data_8Y98
#
_entry.id   8Y98
#
_cell.length_a   52.978
_cell.length_b   181.170
_cell.length_c   182.531
_cell.angle_alpha   90.00
_cell.angle_beta   90.00
_cell.angle_gamma   90.00
#
_symmetry.space_group_name_H-M   'P 21 21 21'
#
loop_
_entity.id
_entity.type
_entity.pdbx_description
1 polymer 'DegT/DnrJ/EryC1/StrS family aminotransferase'
2 polymer 'DegT/DnrJ/EryC1/StrS aminotransferase'
3 non-polymer 'N-({3-hydroxy-2-methyl-5-[(phosphonooxy)methyl]pyridin-4-yl}methyl)-L-glutamic acid'
4 water water
#
loop_
_entity_poly.entity_id
_entity_poly.type
_entity_poly.pdbx_seq_one_letter_code
_entity_poly.pdbx_strand_id
1 'polypeptide(L)'
;MKTDFIMVPTAMPDEKMINYQLAIDGGEPVIPKANRKTIFPNIAKEDLFQMMISVQKPEEMVVSEFAEKYRQRVGAPYAI
PTASGTSSLHLALVGAGVKAGDEVIVPAFTFIATAQAIVAAKAIPVFADIDPQTYCLDPRQLDKKVTARTKAVMPVHVHG
LPADIDALASFCRQHQLALIEDASHAHSATLHGRYCGTFGDAAGQSLMADKNFPLGGEAGIAFFKERESYDRALAFLEES
GLDYRMSWVAAAFGISQLDRLDYYDEIRQRNAQRLIDELATTRLFTGPMIPAAAKHSFNMFRIKINTALPEFKDIPEYKL
KLALQQILNEEGVFAREWQNTLLPFHLPFQNKKGFGKGYPFFLGDSQEYKHEHFPNALQMLRSTLVLCRELRSPVEYEKL
HSYIITFKKVDKNIQRVAEIASQIDDVPPYEKDARLGHHHHHH
;
A,B
2 'polypeptide(L)'
;MGISKTSSDLSEQLFQVSFVLARVLTSGIIMSIEKNENELKGLENILKKTSSKQYAVTFNSISGAVIGSLWGQDIVYGEA
TNQQSLDEQQEKLFKWLGIGHSSLLPEPYTLHAINWGNISNLQKITHEEAHVTLLDFTKLGFGPCAVLLTNNETIYKKSE
RLKIFGAFDLRTMWTQRETEKEIKPGLQFNFRLSPLVGACIKMALIKMGLNKHHHHHH
;
C,D
#
# COMPACT_ATOMS: atom_id res chain seq x y z
N MET A 1 -10.71 -4.30 -11.41
CA MET A 1 -10.53 -3.42 -10.22
C MET A 1 -9.99 -2.07 -10.66
N LYS A 2 -10.61 -0.99 -10.14
CA LYS A 2 -10.19 0.37 -10.42
C LYS A 2 -9.11 0.77 -9.41
N THR A 3 -7.87 0.90 -9.88
CA THR A 3 -6.75 1.22 -9.01
C THR A 3 -5.84 2.25 -9.68
N ASP A 4 -5.19 3.08 -8.84
CA ASP A 4 -4.25 4.09 -9.29
C ASP A 4 -2.82 3.55 -9.30
N PHE A 5 -2.67 2.23 -9.15
CA PHE A 5 -1.34 1.63 -9.00
C PHE A 5 -0.56 1.81 -10.30
N ILE A 6 0.64 2.38 -10.20
CA ILE A 6 1.50 2.65 -11.33
C ILE A 6 2.27 1.37 -11.67
N MET A 7 2.11 0.91 -12.92
CA MET A 7 2.60 -0.39 -13.35
C MET A 7 4.03 -0.32 -13.87
N VAL A 8 4.51 0.89 -14.21
CA VAL A 8 5.83 1.07 -14.77
C VAL A 8 6.72 1.75 -13.74
N PRO A 9 7.83 1.13 -13.29
CA PRO A 9 8.77 1.78 -12.37
C PRO A 9 9.59 2.84 -13.10
N THR A 10 10.00 3.87 -12.34
CA THR A 10 10.89 4.90 -12.87
C THR A 10 12.29 4.30 -12.99
N ALA A 11 12.82 4.25 -14.21
CA ALA A 11 14.18 3.83 -14.45
C ALA A 11 15.13 4.94 -14.05
N MET A 12 16.36 4.56 -13.68
CA MET A 12 17.41 5.53 -13.42
C MET A 12 17.67 6.30 -14.71
N PRO A 13 17.52 7.65 -14.71
CA PRO A 13 17.78 8.44 -15.92
C PRO A 13 19.28 8.48 -16.22
N ASP A 14 19.61 8.44 -17.51
CA ASP A 14 20.99 8.55 -17.96
C ASP A 14 21.47 9.97 -17.69
N GLU A 15 22.68 10.10 -17.13
CA GLU A 15 23.30 11.39 -16.87
C GLU A 15 23.52 12.14 -18.19
N LYS A 16 23.70 11.39 -19.28
CA LYS A 16 23.92 11.95 -20.61
C LYS A 16 22.71 12.73 -21.11
N MET A 17 21.54 12.54 -20.49
CA MET A 17 20.33 13.24 -20.90
C MET A 17 20.44 14.75 -20.62
N ILE A 18 21.41 15.14 -19.79
CA ILE A 18 21.74 16.55 -19.62
C ILE A 18 22.17 17.13 -20.97
N ASN A 19 22.76 16.29 -21.83
CA ASN A 19 23.24 16.70 -23.14
C ASN A 19 22.19 16.51 -24.23
N TYR A 20 21.01 15.98 -23.88
CA TYR A 20 20.00 15.63 -24.87
C TYR A 20 19.31 16.89 -25.38
N GLN A 21 18.68 16.75 -26.55
CA GLN A 21 17.80 17.78 -27.11
C GLN A 21 16.58 17.93 -26.22
N LEU A 22 16.11 19.18 -26.06
CA LEU A 22 14.90 19.47 -25.32
C LEU A 22 13.71 18.75 -25.95
N ALA A 23 12.76 18.33 -25.09
CA ALA A 23 11.58 17.60 -25.53
C ALA A 23 10.65 18.52 -26.32
N ILE A 24 10.70 19.83 -26.03
CA ILE A 24 9.85 20.79 -26.74
C ILE A 24 10.30 20.90 -28.20
N ASP A 25 11.56 20.53 -28.48
CA ASP A 25 12.09 20.56 -29.84
C ASP A 25 12.29 19.13 -30.36
N GLY A 26 11.45 18.20 -29.90
CA GLY A 26 11.39 16.86 -30.48
C GLY A 26 12.33 15.87 -29.80
N GLY A 27 13.05 16.32 -28.76
CA GLY A 27 14.02 15.46 -28.08
C GLY A 27 13.32 14.46 -27.17
N GLU A 28 14.08 13.48 -26.67
CA GLU A 28 13.58 12.51 -25.71
C GLU A 28 13.43 13.21 -24.37
N PRO A 29 12.26 13.09 -23.69
CA PRO A 29 12.07 13.72 -22.38
C PRO A 29 12.84 12.97 -21.30
N VAL A 30 13.20 13.69 -20.23
CA VAL A 30 13.89 13.09 -19.10
C VAL A 30 12.96 12.06 -18.45
N ILE A 31 11.68 12.43 -18.32
CA ILE A 31 10.67 11.56 -17.74
C ILE A 31 9.74 11.10 -18.85
N PRO A 32 9.71 9.79 -19.19
CA PRO A 32 8.74 9.26 -20.16
C PRO A 32 7.30 9.49 -19.71
N LYS A 33 6.37 9.51 -20.69
CA LYS A 33 4.96 9.75 -20.43
C LYS A 33 4.44 8.84 -19.32
N ALA A 34 4.94 7.60 -19.28
CA ALA A 34 4.40 6.58 -18.39
C ALA A 34 4.88 6.75 -16.96
N ASN A 35 5.82 7.68 -16.71
CA ASN A 35 6.38 7.86 -15.38
C ASN A 35 6.01 9.23 -14.81
N ARG A 36 4.91 9.82 -15.29
CA ARG A 36 4.57 11.19 -14.94
C ARG A 36 3.44 11.26 -13.91
N LYS A 37 2.77 10.13 -13.65
CA LYS A 37 1.76 10.08 -12.60
C LYS A 37 2.45 10.08 -11.23
N THR A 38 1.80 10.71 -10.24
CA THR A 38 2.29 10.71 -8.88
C THR A 38 1.13 10.37 -7.95
N ILE A 39 1.36 9.40 -7.05
CA ILE A 39 0.35 8.94 -6.11
C ILE A 39 0.32 9.91 -4.91
N PHE A 40 -0.87 10.46 -4.64
CA PHE A 40 -1.10 11.18 -3.41
C PHE A 40 -2.60 11.25 -3.12
N PRO A 41 -3.06 10.98 -1.88
CA PRO A 41 -2.21 10.51 -0.78
C PRO A 41 -1.59 9.13 -0.98
N ASN A 42 -0.69 8.77 -0.07
CA ASN A 42 -0.14 7.43 0.02
C ASN A 42 -1.12 6.55 0.79
N ILE A 43 -2.08 5.96 0.06
CA ILE A 43 -3.10 5.12 0.66
C ILE A 43 -2.55 3.70 0.77
N ALA A 44 -2.53 3.18 2.00
CA ALA A 44 -1.97 1.86 2.28
C ALA A 44 -3.04 0.96 2.91
N LYS A 45 -2.69 -0.32 3.07
CA LYS A 45 -3.57 -1.31 3.67
C LYS A 45 -4.08 -0.82 5.03
N GLU A 46 -3.21 -0.15 5.79
CA GLU A 46 -3.53 0.33 7.12
C GLU A 46 -4.76 1.24 7.08
N ASP A 47 -4.84 2.07 6.03
CA ASP A 47 -5.90 3.05 5.90
C ASP A 47 -7.24 2.36 5.67
N LEU A 48 -7.25 1.32 4.83
CA LEU A 48 -8.46 0.55 4.57
C LEU A 48 -8.91 -0.15 5.84
N PHE A 49 -7.95 -0.70 6.61
CA PHE A 49 -8.26 -1.42 7.83
C PHE A 49 -8.79 -0.44 8.88
N GLN A 50 -8.24 0.78 8.90
CA GLN A 50 -8.64 1.80 9.85
C GLN A 50 -10.11 2.18 9.66
N MET A 51 -10.58 2.17 8.40
CA MET A 51 -11.97 2.46 8.11
C MET A 51 -12.87 1.40 8.74
N MET A 52 -12.41 0.14 8.73
CA MET A 52 -13.19 -0.97 9.24
C MET A 52 -13.23 -0.94 10.77
N ILE A 53 -12.21 -0.31 11.38
CA ILE A 53 -12.20 -0.11 12.82
C ILE A 53 -13.15 1.02 13.18
N SER A 54 -13.04 2.15 12.47
CA SER A 54 -13.74 3.37 12.85
C SER A 54 -15.23 3.31 12.55
N VAL A 55 -15.62 2.46 11.59
CA VAL A 55 -17.01 2.36 11.16
C VAL A 55 -17.85 1.75 12.28
N GLN A 56 -17.20 1.02 13.20
CA GLN A 56 -17.89 0.33 14.29
C GLN A 56 -18.11 1.25 15.49
N LYS A 57 -17.44 2.40 15.51
CA LYS A 57 -17.50 3.32 16.64
C LYS A 57 -18.53 4.42 16.38
N PRO A 58 -19.04 5.09 17.44
CA PRO A 58 -19.83 6.32 17.26
C PRO A 58 -19.01 7.38 16.53
N GLU A 59 -19.63 8.04 15.55
CA GLU A 59 -18.94 8.92 14.63
C GLU A 59 -18.23 10.04 15.38
N GLU A 60 -18.88 10.58 16.43
CA GLU A 60 -18.33 11.68 17.19
C GLU A 60 -17.09 11.24 17.97
N MET A 61 -17.03 9.95 18.35
CA MET A 61 -15.90 9.42 19.09
C MET A 61 -14.67 9.33 18.19
N VAL A 62 -14.89 9.00 16.90
CA VAL A 62 -13.81 8.88 15.93
C VAL A 62 -13.21 10.27 15.67
N VAL A 63 -14.08 11.27 15.50
CA VAL A 63 -13.67 12.64 15.25
C VAL A 63 -12.86 13.15 16.44
N SER A 64 -13.34 12.84 17.65
CA SER A 64 -12.70 13.30 18.88
C SER A 64 -11.35 12.61 19.07
N GLU A 65 -11.32 11.30 18.76
CA GLU A 65 -10.09 10.52 18.79
C GLU A 65 -9.03 11.18 17.91
N PHE A 66 -9.43 11.51 16.67
CA PHE A 66 -8.50 12.10 15.71
C PHE A 66 -7.98 13.43 16.26
N ALA A 67 -8.91 14.32 16.63
CA ALA A 67 -8.56 15.65 17.10
C ALA A 67 -7.56 15.57 18.24
N GLU A 68 -7.86 14.71 19.22
CA GLU A 68 -7.04 14.55 20.41
C GLU A 68 -5.64 14.08 20.03
N LYS A 69 -5.58 13.06 19.17
CA LYS A 69 -4.32 12.44 18.78
C LYS A 69 -3.42 13.45 18.06
N TYR A 70 -4.01 14.21 17.13
CA TYR A 70 -3.24 15.14 16.31
C TYR A 70 -2.84 16.35 17.15
N ARG A 71 -3.67 16.70 18.15
CA ARG A 71 -3.42 17.86 19.00
C ARG A 71 -2.16 17.64 19.84
N GLN A 72 -2.00 16.41 20.36
CA GLN A 72 -0.89 16.07 21.23
C GLN A 72 0.44 16.15 20.46
N ARG A 73 0.42 15.67 19.21
CA ARG A 73 1.59 15.74 18.34
C ARG A 73 2.00 17.20 18.13
N VAL A 74 1.03 18.03 17.76
CA VAL A 74 1.27 19.44 17.43
C VAL A 74 1.68 20.18 18.70
N GLY A 75 1.05 19.82 19.83
CA GLY A 75 1.36 20.44 21.11
C GLY A 75 0.54 21.71 21.35
N ALA A 76 -0.62 21.81 20.69
CA ALA A 76 -1.57 22.87 20.95
C ALA A 76 -2.39 22.49 22.18
N PRO A 77 -2.63 23.41 23.13
CA PRO A 77 -3.42 23.08 24.32
C PRO A 77 -4.90 22.79 24.05
N TYR A 78 -5.48 23.41 23.00
CA TYR A 78 -6.88 23.19 22.66
C TYR A 78 -7.05 23.11 21.15
N ALA A 79 -8.01 22.30 20.70
CA ALA A 79 -8.26 22.10 19.28
C ALA A 79 -9.74 21.84 19.02
N ILE A 80 -10.22 22.33 17.86
CA ILE A 80 -11.55 22.04 17.36
C ILE A 80 -11.41 21.45 15.96
N PRO A 81 -11.84 20.19 15.71
CA PRO A 81 -11.85 19.62 14.37
C PRO A 81 -13.01 20.20 13.56
N THR A 82 -12.79 20.48 12.27
CA THR A 82 -13.77 21.14 11.44
C THR A 82 -13.93 20.41 10.12
N ALA A 83 -14.90 20.89 9.32
CA ALA A 83 -15.22 20.33 8.01
C ALA A 83 -14.16 20.70 6.98
N SER A 84 -13.37 21.74 7.27
CA SER A 84 -12.50 22.35 6.28
C SER A 84 -11.48 23.26 6.94
N GLY A 85 -10.40 23.56 6.20
CA GLY A 85 -9.41 24.52 6.64
C GLY A 85 -9.99 25.94 6.69
N THR A 86 -10.86 26.26 5.73
CA THR A 86 -11.49 27.56 5.64
C THR A 86 -12.28 27.84 6.92
N SER A 87 -13.07 26.85 7.36
CA SER A 87 -13.89 26.98 8.56
C SER A 87 -13.00 27.08 9.80
N SER A 88 -11.88 26.35 9.80
CA SER A 88 -10.97 26.34 10.95
C SER A 88 -10.38 27.73 11.17
N LEU A 89 -10.11 28.44 10.07
CA LEU A 89 -9.55 29.78 10.13
C LEU A 89 -10.60 30.77 10.63
N HIS A 90 -11.87 30.53 10.28
CA HIS A 90 -12.98 31.35 10.73
C HIS A 90 -13.11 31.22 12.25
N LEU A 91 -13.09 29.99 12.75
CA LEU A 91 -13.22 29.73 14.18
C LEU A 91 -11.98 30.26 14.91
N ALA A 92 -10.81 30.19 14.27
CA ALA A 92 -9.58 30.68 14.85
C ALA A 92 -9.65 32.19 15.06
N LEU A 93 -10.18 32.90 14.06
CA LEU A 93 -10.31 34.34 14.10
C LEU A 93 -11.29 34.75 15.19
N VAL A 94 -12.48 34.14 15.17
CA VAL A 94 -13.56 34.48 16.10
C VAL A 94 -13.10 34.16 17.52
N GLY A 95 -12.52 32.97 17.71
CA GLY A 95 -12.05 32.53 19.02
C GLY A 95 -11.04 33.50 19.63
N ALA A 96 -10.11 33.99 18.79
CA ALA A 96 -9.05 34.88 19.24
C ALA A 96 -9.60 36.26 19.55
N GLY A 97 -10.83 36.55 19.12
CA GLY A 97 -11.57 37.72 19.56
C GLY A 97 -11.77 38.76 18.45
N VAL A 98 -11.77 38.32 17.19
CA VAL A 98 -12.06 39.19 16.06
C VAL A 98 -13.57 39.40 16.01
N LYS A 99 -13.97 40.66 15.81
CA LYS A 99 -15.37 41.06 15.84
C LYS A 99 -15.76 41.69 14.51
N ALA A 100 -17.07 41.89 14.32
CA ALA A 100 -17.58 42.55 13.13
C ALA A 100 -17.03 43.97 13.05
N GLY A 101 -16.44 44.31 11.90
CA GLY A 101 -15.93 45.66 11.65
C GLY A 101 -14.42 45.76 11.85
N ASP A 102 -13.83 44.81 12.58
CA ASP A 102 -12.39 44.80 12.84
C ASP A 102 -11.62 44.61 11.53
N GLU A 103 -10.36 45.05 11.54
CA GLU A 103 -9.46 44.86 10.41
C GLU A 103 -8.44 43.78 10.75
N VAL A 104 -8.13 42.93 9.77
CA VAL A 104 -7.15 41.87 9.91
C VAL A 104 -6.09 42.04 8.81
N ILE A 105 -4.83 42.17 9.22
CA ILE A 105 -3.73 42.32 8.28
C ILE A 105 -3.35 40.92 7.77
N VAL A 106 -3.32 40.78 6.44
CA VAL A 106 -3.14 39.49 5.80
C VAL A 106 -2.30 39.69 4.54
N PRO A 107 -1.42 38.73 4.16
CA PRO A 107 -0.66 38.84 2.92
C PRO A 107 -1.57 38.86 1.69
N ALA A 108 -1.17 39.64 0.68
CA ALA A 108 -1.89 39.70 -0.58
C ALA A 108 -1.70 38.40 -1.37
N PHE A 109 -0.63 37.67 -1.06
CA PHE A 109 -0.36 36.39 -1.70
C PHE A 109 -0.67 35.26 -0.73
N THR A 110 -1.81 34.61 -0.96
CA THR A 110 -2.20 33.37 -0.30
C THR A 110 -3.40 32.82 -1.07
N PHE A 111 -3.97 31.71 -0.58
CA PHE A 111 -5.16 31.16 -1.20
C PHE A 111 -6.37 31.97 -0.74
N ILE A 112 -7.39 32.02 -1.61
CA ILE A 112 -8.58 32.83 -1.41
C ILE A 112 -9.18 32.57 -0.01
N ALA A 113 -9.13 31.32 0.44
CA ALA A 113 -9.75 30.88 1.68
C ALA A 113 -9.29 31.72 2.87
N THR A 114 -8.02 32.15 2.87
CA THR A 114 -7.44 32.87 3.98
C THR A 114 -8.23 34.16 4.22
N ALA A 115 -8.41 34.94 3.15
CA ALA A 115 -9.10 36.22 3.22
C ALA A 115 -10.61 35.99 3.38
N GLN A 116 -11.09 34.86 2.86
CA GLN A 116 -12.51 34.57 2.86
C GLN A 116 -12.96 34.14 4.25
N ALA A 117 -12.02 33.62 5.05
CA ALA A 117 -12.25 33.32 6.45
C ALA A 117 -12.39 34.62 7.26
N ILE A 118 -11.59 35.63 6.87
CA ILE A 118 -11.65 36.94 7.52
C ILE A 118 -13.04 37.53 7.30
N VAL A 119 -13.50 37.53 6.05
CA VAL A 119 -14.80 38.10 5.71
C VAL A 119 -15.90 37.33 6.45
N ALA A 120 -15.73 36.01 6.60
CA ALA A 120 -16.67 35.19 7.35
C ALA A 120 -16.75 35.66 8.79
N ALA A 121 -15.60 36.00 9.38
CA ALA A 121 -15.53 36.53 10.73
C ALA A 121 -16.06 37.96 10.79
N LYS A 122 -16.52 38.48 9.64
CA LYS A 122 -17.14 39.78 9.52
C LYS A 122 -16.10 40.89 9.66
N ALA A 123 -14.83 40.54 9.39
CA ALA A 123 -13.73 41.49 9.47
C ALA A 123 -13.32 41.91 8.06
N ILE A 124 -12.51 42.99 7.99
CA ILE A 124 -12.06 43.54 6.72
C ILE A 124 -10.59 43.14 6.52
N PRO A 125 -10.24 42.41 5.44
CA PRO A 125 -8.85 42.07 5.16
C PRO A 125 -8.08 43.33 4.76
N VAL A 126 -6.90 43.51 5.37
CA VAL A 126 -5.98 44.57 5.00
C VAL A 126 -4.74 43.91 4.40
N PHE A 127 -4.61 43.99 3.08
CA PHE A 127 -3.63 43.21 2.34
C PHE A 127 -2.26 43.89 2.42
N ALA A 128 -1.22 43.07 2.59
CA ALA A 128 0.14 43.55 2.72
C ALA A 128 1.07 42.76 1.79
N ASP A 129 2.24 43.35 1.49
CA ASP A 129 3.19 42.73 0.59
C ASP A 129 3.95 41.63 1.32
N ILE A 130 4.70 40.83 0.57
CA ILE A 130 5.42 39.68 1.11
C ILE A 130 6.92 39.95 1.06
N ASP A 131 7.67 39.17 1.85
CA ASP A 131 9.12 39.14 1.77
C ASP A 131 9.51 38.44 0.48
N PRO A 132 10.50 38.97 -0.29
CA PRO A 132 10.81 38.41 -1.61
C PRO A 132 11.57 37.07 -1.61
N GLN A 133 11.93 36.57 -0.42
CA GLN A 133 12.68 35.31 -0.31
C GLN A 133 11.84 34.25 0.41
N THR A 134 11.15 34.62 1.49
CA THR A 134 10.30 33.69 2.23
C THR A 134 8.92 33.61 1.59
N TYR A 135 8.51 34.69 0.91
CA TYR A 135 7.21 34.79 0.26
C TYR A 135 6.09 34.86 1.30
N CYS A 136 6.45 35.17 2.56
CA CYS A 136 5.48 35.28 3.64
C CYS A 136 5.25 36.76 3.95
N LEU A 137 4.20 37.03 4.74
CA LEU A 137 3.82 38.37 5.16
C LEU A 137 5.05 39.14 5.62
N ASP A 138 5.33 40.28 4.96
CA ASP A 138 6.50 41.08 5.23
C ASP A 138 6.30 41.84 6.54
N PRO A 139 7.14 41.62 7.57
CA PRO A 139 7.03 42.37 8.84
C PRO A 139 7.46 43.84 8.73
N ARG A 140 8.21 44.18 7.68
CA ARG A 140 8.74 45.52 7.50
C ARG A 140 7.62 46.50 7.16
N GLN A 141 6.55 45.99 6.55
CA GLN A 141 5.32 46.74 6.36
C GLN A 141 4.62 46.90 7.71
N LEU A 142 3.31 46.61 7.75
CA LEU A 142 2.53 46.54 8.98
C LEU A 142 2.33 47.93 9.58
N ASP A 143 3.44 48.61 9.94
CA ASP A 143 3.39 49.96 10.47
C ASP A 143 2.47 50.85 9.62
N LYS A 144 2.61 50.76 8.30
CA LYS A 144 1.85 51.60 7.39
C LYS A 144 0.42 51.08 7.21
N LYS A 145 0.16 49.85 7.69
CA LYS A 145 -1.12 49.19 7.48
C LYS A 145 -2.00 49.23 8.74
N VAL A 146 -1.37 49.44 9.91
CA VAL A 146 -2.09 49.36 11.18
C VAL A 146 -3.02 50.58 11.30
N THR A 147 -4.18 50.34 11.94
CA THR A 147 -5.28 51.28 12.01
C THR A 147 -5.93 51.12 13.38
N ALA A 148 -6.79 52.07 13.78
CA ALA A 148 -7.50 51.97 15.05
C ALA A 148 -8.39 50.72 15.07
N ARG A 149 -8.95 50.36 13.91
CA ARG A 149 -9.82 49.21 13.76
C ARG A 149 -9.03 47.90 13.75
N THR A 150 -7.72 47.96 13.48
CA THR A 150 -6.89 46.75 13.41
C THR A 150 -7.01 45.97 14.71
N LYS A 151 -7.26 44.66 14.59
CA LYS A 151 -7.41 43.77 15.74
C LYS A 151 -6.41 42.63 15.67
N ALA A 152 -6.04 42.16 14.47
CA ALA A 152 -5.25 40.96 14.33
C ALA A 152 -4.34 41.02 13.10
N VAL A 153 -3.29 40.20 13.13
CA VAL A 153 -2.42 39.97 11.99
C VAL A 153 -2.47 38.48 11.67
N MET A 154 -2.59 38.15 10.39
CA MET A 154 -2.88 36.79 9.96
C MET A 154 -1.79 36.30 9.00
N PRO A 155 -0.61 35.86 9.51
CA PRO A 155 0.42 35.29 8.65
C PRO A 155 0.07 33.92 8.09
N VAL A 156 0.48 33.68 6.84
CA VAL A 156 0.32 32.38 6.20
C VAL A 156 1.71 31.75 6.09
N HIS A 157 1.84 30.51 6.58
CA HIS A 157 3.06 29.73 6.43
C HIS A 157 3.06 29.11 5.03
N VAL A 158 3.22 29.98 4.02
CA VAL A 158 2.89 29.62 2.65
C VAL A 158 3.96 28.68 2.11
N HIS A 159 3.50 27.69 1.33
CA HIS A 159 4.34 26.63 0.77
C HIS A 159 4.76 25.62 1.83
N GLY A 160 4.62 25.96 3.12
CA GLY A 160 5.11 25.12 4.20
C GLY A 160 6.30 25.74 4.93
N LEU A 161 6.71 26.94 4.51
CA LEU A 161 7.77 27.67 5.20
C LEU A 161 7.14 28.48 6.33
N PRO A 162 7.66 28.39 7.57
CA PRO A 162 7.25 29.30 8.65
C PRO A 162 7.45 30.78 8.30
N ALA A 163 6.45 31.59 8.66
CA ALA A 163 6.54 33.04 8.56
C ALA A 163 7.38 33.55 9.72
N ASP A 164 7.67 34.86 9.70
CA ASP A 164 8.56 35.46 10.69
C ASP A 164 7.77 35.70 11.98
N ILE A 165 7.60 34.63 12.76
CA ILE A 165 6.77 34.66 13.96
C ILE A 165 7.36 35.64 14.98
N ASP A 166 8.69 35.63 15.12
CA ASP A 166 9.37 36.44 16.11
C ASP A 166 9.10 37.93 15.85
N ALA A 167 9.20 38.34 14.59
CA ALA A 167 8.99 39.73 14.19
C ALA A 167 7.51 40.11 14.30
N LEU A 168 6.63 39.19 13.86
CA LEU A 168 5.21 39.47 13.78
C LEU A 168 4.58 39.46 15.17
N ALA A 169 5.02 38.53 16.03
CA ALA A 169 4.54 38.46 17.40
C ALA A 169 4.94 39.72 18.16
N SER A 170 6.17 40.19 17.91
CA SER A 170 6.68 41.41 18.52
C SER A 170 5.83 42.60 18.11
N PHE A 171 5.45 42.66 16.82
CA PHE A 171 4.59 43.71 16.31
C PHE A 171 3.21 43.62 16.96
N CYS A 172 2.74 42.38 17.17
CA CYS A 172 1.41 42.14 17.72
C CYS A 172 1.33 42.58 19.18
N ARG A 173 2.43 42.43 19.92
CA ARG A 173 2.46 42.83 21.33
C ARG A 173 2.51 44.35 21.45
N GLN A 174 3.31 45.00 20.60
CA GLN A 174 3.44 46.45 20.59
C GLN A 174 2.07 47.11 20.39
N HIS A 175 1.24 46.52 19.50
CA HIS A 175 0.00 47.15 19.08
C HIS A 175 -1.22 46.44 19.66
N GLN A 176 -1.00 45.52 20.62
CA GLN A 176 -2.07 44.75 21.24
C GLN A 176 -2.96 44.13 20.17
N LEU A 177 -2.33 43.40 19.23
CA LEU A 177 -3.06 42.71 18.18
C LEU A 177 -2.98 41.21 18.43
N ALA A 178 -3.98 40.47 17.92
CA ALA A 178 -3.99 39.02 17.99
C ALA A 178 -3.23 38.44 16.81
N LEU A 179 -2.62 37.26 17.02
CA LEU A 179 -1.85 36.59 15.98
C LEU A 179 -2.57 35.28 15.60
N ILE A 180 -3.04 35.21 14.36
CA ILE A 180 -3.76 34.04 13.86
C ILE A 180 -2.95 33.42 12.72
N GLU A 181 -2.46 32.19 12.94
CA GLU A 181 -1.68 31.49 11.93
C GLU A 181 -2.60 30.79 10.93
N ASP A 182 -2.26 30.87 9.65
CA ASP A 182 -2.78 29.96 8.64
C ASP A 182 -1.69 28.93 8.34
N ALA A 183 -1.84 27.73 8.90
CA ALA A 183 -0.82 26.69 8.84
C ALA A 183 -1.25 25.59 7.88
N SER A 184 -1.99 25.96 6.83
CA SER A 184 -2.68 25.01 5.97
C SER A 184 -1.71 24.26 5.05
N HIS A 185 -0.46 24.76 4.93
CA HIS A 185 0.57 24.06 4.17
C HIS A 185 1.69 23.57 5.07
N ALA A 186 1.60 23.87 6.38
CA ALA A 186 2.76 23.82 7.27
C ALA A 186 2.66 22.64 8.24
N HIS A 187 2.08 21.53 7.78
CA HIS A 187 2.05 20.30 8.56
C HIS A 187 3.48 19.84 8.80
N SER A 188 3.86 19.72 10.08
CA SER A 188 5.17 19.26 10.50
C SER A 188 6.25 20.31 10.28
N ALA A 189 5.87 21.54 9.92
CA ALA A 189 6.83 22.64 9.80
C ALA A 189 7.08 23.20 11.20
N THR A 190 8.35 23.52 11.50
CA THR A 190 8.73 23.95 12.83
C THR A 190 9.52 25.26 12.75
N LEU A 191 9.44 26.04 13.83
CA LEU A 191 10.30 27.19 14.06
C LEU A 191 10.76 27.14 15.51
N HIS A 192 12.09 27.06 15.71
CA HIS A 192 12.69 26.83 17.02
C HIS A 192 12.25 25.47 17.59
N GLY A 193 12.00 24.51 16.70
CA GLY A 193 11.65 23.15 17.08
C GLY A 193 10.18 23.01 17.51
N ARG A 194 9.39 24.06 17.31
CA ARG A 194 7.98 24.07 17.69
C ARG A 194 7.11 24.10 16.43
N TYR A 195 6.03 23.32 16.43
CA TYR A 195 5.20 23.13 15.25
C TYR A 195 4.41 24.40 14.96
N CYS A 196 4.30 24.72 13.67
CA CYS A 196 3.41 25.76 13.19
C CYS A 196 1.98 25.46 13.68
N GLY A 197 1.33 26.48 14.26
CA GLY A 197 -0.02 26.35 14.78
C GLY A 197 -0.07 26.47 16.30
N THR A 198 1.10 26.59 16.95
CA THR A 198 1.17 26.74 18.39
C THR A 198 1.62 28.17 18.76
N PHE A 199 2.00 28.96 17.76
CA PHE A 199 2.64 30.25 17.99
C PHE A 199 1.58 31.34 18.24
N GLY A 200 0.54 31.33 17.40
CA GLY A 200 -0.47 32.37 17.45
C GLY A 200 -1.42 32.18 18.62
N ASP A 201 -2.25 33.19 18.87
CA ASP A 201 -3.32 33.09 19.86
C ASP A 201 -4.28 31.99 19.42
N ALA A 202 -4.51 31.93 18.10
CA ALA A 202 -5.22 30.82 17.48
C ALA A 202 -4.56 30.48 16.14
N ALA A 203 -5.04 29.40 15.51
CA ALA A 203 -4.52 28.97 14.22
C ALA A 203 -5.53 28.05 13.53
N GLY A 204 -5.63 28.18 12.20
CA GLY A 204 -6.39 27.27 11.38
C GLY A 204 -5.46 26.46 10.47
N GLN A 205 -5.88 25.25 10.12
CA GLN A 205 -5.07 24.36 9.31
C GLN A 205 -5.95 23.43 8.49
N SER A 206 -5.86 23.57 7.16
CA SER A 206 -6.44 22.62 6.23
C SER A 206 -5.92 21.21 6.51
N LEU A 207 -6.83 20.23 6.45
CA LEU A 207 -6.46 18.83 6.49
C LEU A 207 -7.03 18.13 5.26
N MET A 208 -7.06 18.84 4.13
CA MET A 208 -7.59 18.28 2.88
C MET A 208 -6.62 17.20 2.39
N ALA A 209 -7.11 16.36 1.46
CA ALA A 209 -6.38 15.21 0.98
C ALA A 209 -5.20 15.60 0.08
N ASP A 210 -5.03 16.90 -0.18
CA ASP A 210 -3.93 17.39 -1.01
C ASP A 210 -2.85 18.04 -0.14
N LYS A 211 -2.91 17.84 1.19
CA LYS A 211 -1.92 18.38 2.10
C LYS A 211 -0.98 17.27 2.56
N ASN A 212 0.22 17.67 2.99
CA ASN A 212 1.27 16.75 3.40
C ASN A 212 0.73 15.72 4.39
N PHE A 213 -0.06 16.19 5.36
CA PHE A 213 -0.81 15.32 6.24
C PHE A 213 -2.26 15.35 5.80
N PRO A 214 -2.72 14.36 5.00
CA PRO A 214 -4.08 14.35 4.46
C PRO A 214 -5.09 13.58 5.30
N LEU A 215 -6.28 14.16 5.46
CA LEU A 215 -7.45 13.41 5.92
C LEU A 215 -8.25 12.98 4.69
N GLY A 216 -9.29 12.18 4.91
CA GLY A 216 -9.94 11.43 3.85
C GLY A 216 -10.97 12.27 3.09
N GLY A 217 -10.51 13.37 2.48
CA GLY A 217 -11.36 14.25 1.69
C GLY A 217 -11.19 15.70 2.10
N GLU A 218 -12.26 16.28 2.67
CA GLU A 218 -12.24 17.64 3.18
C GLU A 218 -12.25 17.60 4.70
N ALA A 219 -11.38 18.41 5.32
CA ALA A 219 -11.26 18.44 6.77
C ALA A 219 -10.37 19.62 7.18
N GLY A 220 -10.44 19.98 8.46
CA GLY A 220 -9.61 21.02 9.02
C GLY A 220 -9.54 20.92 10.54
N ILE A 221 -8.69 21.76 11.15
CA ILE A 221 -8.58 21.82 12.59
C ILE A 221 -8.12 23.22 13.00
N ALA A 222 -8.77 23.76 14.05
CA ALA A 222 -8.39 25.03 14.62
C ALA A 222 -7.67 24.78 15.94
N PHE A 223 -6.60 25.55 16.19
CA PHE A 223 -5.83 25.46 17.43
C PHE A 223 -5.97 26.77 18.19
N PHE A 224 -5.92 26.68 19.53
CA PHE A 224 -6.03 27.85 20.39
C PHE A 224 -5.00 27.74 21.51
N LYS A 225 -4.39 28.88 21.86
CA LYS A 225 -3.38 28.92 22.91
C LYS A 225 -4.07 28.92 24.29
N GLU A 226 -5.19 29.64 24.42
CA GLU A 226 -5.87 29.82 25.69
C GLU A 226 -7.27 29.19 25.64
N ARG A 227 -7.77 28.79 26.81
CA ARG A 227 -9.09 28.19 26.94
CA ARG A 227 -9.09 28.17 26.91
C ARG A 227 -10.17 29.23 26.62
N GLU A 228 -9.89 30.48 26.97
CA GLU A 228 -10.80 31.59 26.70
C GLU A 228 -11.16 31.60 25.22
N SER A 229 -10.14 31.48 24.37
CA SER A 229 -10.32 31.56 22.92
C SER A 229 -11.05 30.33 22.40
N TYR A 230 -10.77 29.17 23.01
CA TYR A 230 -11.40 27.91 22.65
C TYR A 230 -12.89 27.97 22.97
N ASP A 231 -13.21 28.46 24.18
CA ASP A 231 -14.61 28.56 24.62
C ASP A 231 -15.38 29.52 23.72
N ARG A 232 -14.74 30.63 23.34
CA ARG A 232 -15.37 31.67 22.54
C ARG A 232 -15.73 31.10 21.16
N ALA A 233 -14.85 30.26 20.61
CA ALA A 233 -15.09 29.60 19.33
C ALA A 233 -16.28 28.65 19.44
N LEU A 234 -16.31 27.86 20.53
CA LEU A 234 -17.40 26.93 20.77
C LEU A 234 -18.72 27.69 20.96
N ALA A 235 -18.65 28.85 21.64
CA ALA A 235 -19.82 29.67 21.87
C ALA A 235 -20.36 30.21 20.55
N PHE A 236 -19.45 30.63 19.66
CA PHE A 236 -19.82 31.17 18.37
C PHE A 236 -20.57 30.12 17.55
N LEU A 237 -20.11 28.87 17.60
CA LEU A 237 -20.77 27.77 16.89
C LEU A 237 -22.20 27.62 17.40
N GLU A 238 -22.37 27.67 18.71
CA GLU A 238 -23.70 27.55 19.34
C GLU A 238 -24.59 28.71 18.89
N GLU A 239 -24.03 29.92 18.87
CA GLU A 239 -24.79 31.14 18.61
C GLU A 239 -25.09 31.29 17.12
N SER A 240 -24.13 30.94 16.26
CA SER A 240 -24.22 31.20 14.83
C SER A 240 -25.16 30.21 14.15
N GLY A 241 -25.19 28.96 14.65
CA GLY A 241 -25.96 27.90 14.03
C GLY A 241 -25.24 27.29 12.83
N LEU A 242 -23.94 27.58 12.70
CA LEU A 242 -23.12 27.01 11.64
C LEU A 242 -22.73 25.59 12.04
N ASP A 243 -22.92 24.65 11.10
CA ASP A 243 -22.44 23.29 11.26
C ASP A 243 -21.14 23.13 10.49
N TYR A 244 -20.02 23.18 11.23
CA TYR A 244 -18.69 23.09 10.68
C TYR A 244 -18.02 21.77 11.09
N ARG A 245 -18.82 20.72 11.34
CA ARG A 245 -18.32 19.50 11.93
C ARG A 245 -17.55 18.66 10.90
N MET A 246 -16.59 17.88 11.42
CA MET A 246 -15.78 16.98 10.61
C MET A 246 -16.51 15.66 10.44
N SER A 247 -16.28 15.00 9.30
CA SER A 247 -16.77 13.66 9.04
C SER A 247 -15.84 12.64 9.69
N TRP A 248 -16.42 11.58 10.27
CA TRP A 248 -15.62 10.52 10.87
C TRP A 248 -14.79 9.82 9.79
N VAL A 249 -15.34 9.75 8.58
CA VAL A 249 -14.68 9.12 7.45
C VAL A 249 -13.36 9.84 7.17
N ALA A 250 -13.41 11.18 7.11
CA ALA A 250 -12.22 11.98 6.91
C ALA A 250 -11.27 11.83 8.09
N ALA A 251 -11.84 11.82 9.31
CA ALA A 251 -11.06 11.71 10.53
C ALA A 251 -10.33 10.36 10.58
N ALA A 252 -11.04 9.29 10.23
CA ALA A 252 -10.51 7.94 10.31
C ALA A 252 -9.24 7.81 9.47
N PHE A 253 -9.30 8.34 8.24
CA PHE A 253 -8.16 8.32 7.34
C PHE A 253 -6.99 9.07 7.97
N GLY A 254 -7.31 10.15 8.69
CA GLY A 254 -6.31 10.94 9.41
C GLY A 254 -5.60 10.13 10.50
N ILE A 255 -6.36 9.30 11.20
CA ILE A 255 -5.85 8.53 12.33
C ILE A 255 -4.74 7.59 11.84
N SER A 256 -4.99 6.91 10.72
CA SER A 256 -4.05 5.96 10.16
C SER A 256 -2.86 6.68 9.51
N GLN A 257 -3.16 7.75 8.75
CA GLN A 257 -2.11 8.52 8.07
C GLN A 257 -1.10 9.08 9.07
N LEU A 258 -1.59 9.44 10.27
CA LEU A 258 -0.76 10.12 11.27
C LEU A 258 0.33 9.19 11.79
N ASP A 259 0.07 7.87 11.78
CA ASP A 259 1.05 6.89 12.23
C ASP A 259 2.23 6.81 11.27
N ARG A 260 2.05 7.26 10.02
CA ARG A 260 3.08 7.10 9.00
C ARG A 260 3.64 8.44 8.56
N LEU A 261 3.22 9.54 9.22
CA LEU A 261 3.54 10.88 8.76
C LEU A 261 5.05 11.12 8.84
N ASP A 262 5.68 10.67 9.94
CA ASP A 262 7.09 10.94 10.18
C ASP A 262 7.94 10.30 9.08
N TYR A 263 7.55 9.12 8.62
CA TYR A 263 8.26 8.42 7.56
C TYR A 263 8.22 9.23 6.27
N TYR A 264 7.01 9.60 5.83
CA TYR A 264 6.81 10.34 4.59
C TYR A 264 7.49 11.71 4.68
N ASP A 265 7.38 12.34 5.86
CA ASP A 265 8.00 13.63 6.12
C ASP A 265 9.51 13.56 5.90
N GLU A 266 10.14 12.49 6.40
N GLU A 266 10.14 12.48 6.38
CA GLU A 266 11.58 12.32 6.33
CA GLU A 266 11.59 12.34 6.33
C GLU A 266 12.04 12.30 4.88
C GLU A 266 12.05 12.27 4.89
N ILE A 267 11.33 11.51 4.05
CA ILE A 267 11.65 11.37 2.64
C ILE A 267 11.49 12.73 1.93
N ARG A 268 10.40 13.44 2.25
CA ARG A 268 10.16 14.76 1.68
C ARG A 268 11.32 15.70 2.01
N GLN A 269 11.79 15.68 3.26
CA GLN A 269 12.82 16.60 3.72
C GLN A 269 14.11 16.36 2.95
N ARG A 270 14.51 15.09 2.82
CA ARG A 270 15.73 14.71 2.13
C ARG A 270 15.65 15.05 0.64
N ASN A 271 14.53 14.68 0.01
CA ASN A 271 14.32 14.92 -1.41
C ASN A 271 14.45 16.42 -1.71
N ALA A 272 13.71 17.23 -0.95
CA ALA A 272 13.67 18.67 -1.17
C ALA A 272 15.06 19.28 -0.94
N GLN A 273 15.75 18.81 0.10
CA GLN A 273 17.04 19.36 0.49
C GLN A 273 18.09 19.05 -0.59
N ARG A 274 18.02 17.84 -1.17
CA ARG A 274 18.94 17.46 -2.23
C ARG A 274 18.72 18.35 -3.46
N LEU A 275 17.45 18.64 -3.78
CA LEU A 275 17.12 19.42 -4.97
C LEU A 275 17.58 20.86 -4.79
N ILE A 276 17.42 21.42 -3.59
CA ILE A 276 17.94 22.74 -3.28
C ILE A 276 19.43 22.77 -3.57
N ASP A 277 20.17 21.79 -3.02
CA ASP A 277 21.60 21.71 -3.18
C ASP A 277 21.98 21.62 -4.67
N GLU A 278 21.22 20.85 -5.44
CA GLU A 278 21.50 20.64 -6.86
C GLU A 278 21.19 21.90 -7.66
N LEU A 279 20.08 22.58 -7.33
CA LEU A 279 19.69 23.78 -8.04
C LEU A 279 20.67 24.93 -7.74
N ALA A 280 21.34 24.86 -6.58
CA ALA A 280 22.31 25.88 -6.20
C ALA A 280 23.48 25.92 -7.19
N THR A 281 23.83 24.76 -7.77
CA THR A 281 24.93 24.66 -8.71
C THR A 281 24.52 25.22 -10.07
N THR A 282 23.20 25.28 -10.35
CA THR A 282 22.71 25.73 -11.65
C THR A 282 22.81 27.25 -11.73
N ARG A 283 22.80 27.75 -12.96
CA ARG A 283 22.91 29.18 -13.24
C ARG A 283 21.52 29.83 -13.24
N LEU A 284 20.49 29.04 -13.57
CA LEU A 284 19.19 29.58 -13.93
C LEU A 284 18.20 29.49 -12.77
N PHE A 285 18.35 28.49 -11.89
CA PHE A 285 17.35 28.15 -10.89
C PHE A 285 17.93 28.29 -9.49
N THR A 286 17.06 28.61 -8.53
CA THR A 286 17.40 28.55 -7.11
C THR A 286 16.20 28.00 -6.35
N GLY A 287 16.46 27.07 -5.42
CA GLY A 287 15.43 26.52 -4.56
C GLY A 287 15.02 27.52 -3.47
N PRO A 288 13.99 27.21 -2.66
CA PRO A 288 13.50 28.15 -1.65
C PRO A 288 14.50 28.38 -0.52
N MET A 289 14.61 29.64 -0.09
CA MET A 289 15.44 30.01 1.05
C MET A 289 14.74 29.54 2.33
N ILE A 290 15.53 29.04 3.28
CA ILE A 290 15.02 28.55 4.55
C ILE A 290 15.84 29.16 5.67
N PRO A 291 15.24 30.03 6.53
CA PRO A 291 15.94 30.54 7.72
C PRO A 291 16.45 29.40 8.59
N ALA A 292 17.54 29.64 9.31
CA ALA A 292 18.25 28.61 10.06
C ALA A 292 17.34 27.96 11.10
N ALA A 293 16.44 28.74 11.69
CA ALA A 293 15.59 28.27 12.78
C ALA A 293 14.41 27.45 12.27
N ALA A 294 14.11 27.56 10.96
CA ALA A 294 12.90 26.99 10.40
C ALA A 294 13.17 25.63 9.75
N LYS A 295 12.14 24.77 9.75
CA LYS A 295 12.13 23.55 8.96
C LYS A 295 10.93 23.59 8.02
N HIS A 296 11.22 23.53 6.71
CA HIS A 296 10.22 23.62 5.66
C HIS A 296 9.49 22.28 5.56
N SER A 297 8.16 22.31 5.34
CA SER A 297 7.39 21.10 5.16
C SER A 297 7.43 20.66 3.70
N PHE A 298 7.66 21.62 2.80
CA PHE A 298 7.86 21.40 1.38
C PHE A 298 6.57 20.87 0.74
N ASN A 299 5.44 21.39 1.21
CA ASN A 299 4.15 21.13 0.58
C ASN A 299 4.21 21.62 -0.86
N MET A 300 4.79 22.81 -1.05
CA MET A 300 5.09 23.34 -2.38
C MET A 300 6.54 23.79 -2.42
N PHE A 301 7.16 23.64 -3.60
CA PHE A 301 8.57 23.93 -3.79
C PHE A 301 8.67 25.02 -4.85
N ARG A 302 8.82 26.27 -4.41
CA ARG A 302 8.88 27.41 -5.31
C ARG A 302 10.33 27.67 -5.72
N ILE A 303 10.55 27.84 -7.02
CA ILE A 303 11.88 27.96 -7.60
C ILE A 303 12.02 29.35 -8.21
N LYS A 304 13.15 30.01 -7.93
CA LYS A 304 13.42 31.35 -8.44
C LYS A 304 14.17 31.26 -9.77
N ILE A 305 13.58 31.87 -10.81
CA ILE A 305 14.23 31.98 -12.11
C ILE A 305 15.13 33.22 -12.09
N ASN A 306 16.39 33.03 -12.46
CA ASN A 306 17.31 34.15 -12.61
C ASN A 306 17.03 34.81 -13.96
N THR A 307 16.16 35.83 -13.95
CA THR A 307 15.70 36.48 -15.16
C THR A 307 16.67 37.58 -15.59
N ALA A 308 17.74 37.80 -14.80
CA ALA A 308 18.69 38.87 -15.05
C ALA A 308 19.91 38.36 -15.81
N LEU A 309 19.89 37.10 -16.27
CA LEU A 309 20.99 36.54 -17.03
C LEU A 309 21.10 37.27 -18.36
N PRO A 310 22.33 37.50 -18.89
CA PRO A 310 22.53 38.32 -20.08
C PRO A 310 21.76 37.86 -21.32
N GLU A 311 21.52 36.55 -21.44
CA GLU A 311 20.81 35.97 -22.56
C GLU A 311 19.37 36.50 -22.61
N PHE A 312 18.84 36.91 -21.45
CA PHE A 312 17.44 37.27 -21.33
C PHE A 312 17.25 38.78 -21.48
N LYS A 313 18.25 39.49 -22.00
CA LYS A 313 18.17 40.93 -22.17
C LYS A 313 16.98 41.28 -23.07
N ASP A 314 16.14 42.22 -22.60
CA ASP A 314 15.01 42.75 -23.35
C ASP A 314 13.94 41.67 -23.55
N ILE A 315 13.88 40.69 -22.65
CA ILE A 315 12.81 39.69 -22.67
C ILE A 315 12.02 39.85 -21.37
N PRO A 316 10.71 40.17 -21.43
CA PRO A 316 9.88 40.27 -20.24
C PRO A 316 9.92 38.98 -19.40
N GLU A 317 9.90 39.16 -18.07
CA GLU A 317 10.07 38.05 -17.15
C GLU A 317 8.98 37.00 -17.33
N TYR A 318 7.75 37.45 -17.61
CA TYR A 318 6.61 36.55 -17.69
C TYR A 318 6.79 35.59 -18.87
N LYS A 319 7.46 36.05 -19.94
CA LYS A 319 7.74 35.22 -21.10
C LYS A 319 8.77 34.14 -20.75
N LEU A 320 9.76 34.50 -19.91
CA LEU A 320 10.75 33.55 -19.46
C LEU A 320 10.08 32.47 -18.60
N LYS A 321 9.11 32.91 -17.79
CA LYS A 321 8.35 32.03 -16.92
C LYS A 321 7.53 31.05 -17.77
N LEU A 322 6.78 31.58 -18.74
CA LEU A 322 5.91 30.79 -19.58
C LEU A 322 6.75 29.79 -20.39
N ALA A 323 7.89 30.25 -20.93
CA ALA A 323 8.75 29.41 -21.75
C ALA A 323 9.29 28.24 -20.92
N LEU A 324 9.85 28.55 -19.75
CA LEU A 324 10.41 27.53 -18.87
C LEU A 324 9.33 26.55 -18.41
N GLN A 325 8.11 27.07 -18.24
CA GLN A 325 6.96 26.27 -17.87
C GLN A 325 6.67 25.23 -18.96
N GLN A 326 6.62 25.68 -20.22
CA GLN A 326 6.42 24.80 -21.35
C GLN A 326 7.58 23.81 -21.46
N ILE A 327 8.81 24.33 -21.36
CA ILE A 327 10.02 23.54 -21.55
C ILE A 327 10.06 22.41 -20.53
N LEU A 328 9.82 22.75 -19.25
CA LEU A 328 9.87 21.78 -18.16
C LEU A 328 8.76 20.74 -18.31
N ASN A 329 7.56 21.20 -18.70
CA ASN A 329 6.40 20.33 -18.83
C ASN A 329 6.65 19.25 -19.89
N GLU A 330 7.35 19.63 -20.97
CA GLU A 330 7.64 18.69 -22.06
C GLU A 330 8.64 17.63 -21.59
N GLU A 331 9.52 17.99 -20.65
CA GLU A 331 10.48 17.05 -20.08
C GLU A 331 9.78 16.10 -19.11
N GLY A 332 8.63 16.51 -18.57
CA GLY A 332 7.84 15.68 -17.69
C GLY A 332 7.82 16.20 -16.25
N VAL A 333 8.32 17.43 -16.03
CA VAL A 333 8.23 18.09 -14.74
C VAL A 333 7.13 19.13 -14.82
N PHE A 334 6.05 18.92 -14.05
CA PHE A 334 4.85 19.74 -14.14
CA PHE A 334 4.85 19.74 -14.14
C PHE A 334 5.02 20.98 -13.25
N ALA A 335 5.92 21.88 -13.66
CA ALA A 335 6.08 23.17 -13.01
C ALA A 335 4.95 24.08 -13.45
N ARG A 336 4.33 24.79 -12.49
CA ARG A 336 3.13 25.54 -12.75
C ARG A 336 2.99 26.67 -11.74
N GLU A 337 2.07 27.60 -12.03
CA GLU A 337 1.72 28.66 -11.11
C GLU A 337 0.75 28.08 -10.09
N TRP A 338 0.88 28.49 -8.83
CA TRP A 338 -0.11 28.16 -7.82
C TRP A 338 -1.18 29.25 -7.80
N GLN A 339 -0.75 30.49 -7.57
CA GLN A 339 -1.60 31.66 -7.73
C GLN A 339 -1.11 32.46 -8.94
N ASN A 340 -2.06 33.06 -9.67
CA ASN A 340 -1.75 33.93 -10.79
C ASN A 340 -2.07 35.39 -10.41
N THR A 341 -3.11 35.58 -9.59
CA THR A 341 -3.55 36.90 -9.19
C THR A 341 -3.50 37.01 -7.67
N LEU A 342 -3.10 38.19 -7.17
CA LEU A 342 -3.11 38.47 -5.74
C LEU A 342 -4.56 38.66 -5.30
N LEU A 343 -4.84 38.34 -4.03
CA LEU A 343 -6.21 38.29 -3.53
C LEU A 343 -6.92 39.64 -3.71
N PRO A 344 -6.26 40.80 -3.48
CA PRO A 344 -6.89 42.09 -3.75
C PRO A 344 -7.64 42.18 -5.08
N PHE A 345 -7.12 41.48 -6.11
CA PHE A 345 -7.60 41.64 -7.47
C PHE A 345 -8.46 40.45 -7.90
N HIS A 346 -8.78 39.55 -6.95
CA HIS A 346 -9.81 38.54 -7.17
C HIS A 346 -11.18 39.21 -7.08
N LEU A 347 -12.17 38.59 -7.74
CA LEU A 347 -13.47 39.21 -7.93
C LEU A 347 -14.13 39.56 -6.59
N PRO A 348 -14.12 38.68 -5.58
CA PRO A 348 -14.73 38.99 -4.29
C PRO A 348 -14.31 40.30 -3.63
N PHE A 349 -13.04 40.68 -3.81
CA PHE A 349 -12.48 41.88 -3.19
C PHE A 349 -12.47 43.05 -4.18
N GLN A 350 -12.97 42.81 -5.40
CA GLN A 350 -13.23 43.88 -6.35
C GLN A 350 -14.68 44.34 -6.20
N ASN A 351 -15.62 43.37 -6.22
CA ASN A 351 -17.03 43.66 -6.07
C ASN A 351 -17.35 43.99 -4.61
N LYS A 352 -16.63 43.35 -3.68
CA LYS A 352 -16.77 43.58 -2.26
C LYS A 352 -18.22 43.34 -1.82
N LYS A 353 -18.83 42.27 -2.34
CA LYS A 353 -20.21 41.93 -2.04
C LYS A 353 -20.34 41.44 -0.59
N GLY A 354 -19.47 40.48 -0.22
CA GLY A 354 -19.44 39.94 1.12
C GLY A 354 -20.69 39.12 1.42
N PHE A 355 -21.33 39.41 2.57
CA PHE A 355 -22.58 38.77 2.95
C PHE A 355 -23.74 39.33 2.13
N GLY A 356 -23.47 40.41 1.37
CA GLY A 356 -24.49 41.11 0.62
C GLY A 356 -24.47 42.60 0.95
N LYS A 357 -24.73 43.44 -0.06
CA LYS A 357 -24.80 44.89 0.09
C LYS A 357 -23.48 45.46 0.63
N GLY A 358 -22.38 44.74 0.45
CA GLY A 358 -21.06 45.26 0.78
C GLY A 358 -20.69 45.05 2.24
N TYR A 359 -21.48 44.25 2.97
CA TYR A 359 -21.16 43.93 4.35
C TYR A 359 -20.11 42.82 4.37
N PRO A 360 -19.03 42.90 5.18
CA PRO A 360 -18.80 43.98 6.14
C PRO A 360 -17.84 45.09 5.71
N PHE A 361 -17.66 45.25 4.40
CA PHE A 361 -16.63 46.13 3.86
C PHE A 361 -16.99 47.60 4.10
N PHE A 362 -18.30 47.90 4.13
CA PHE A 362 -18.77 49.27 4.21
C PHE A 362 -18.58 49.83 5.63
N LEU A 363 -18.13 48.98 6.57
CA LEU A 363 -17.84 49.42 7.92
C LEU A 363 -16.51 50.17 7.96
N GLY A 364 -15.59 49.82 7.05
CA GLY A 364 -14.26 50.40 7.04
C GLY A 364 -14.09 51.43 5.93
N ASP A 365 -12.83 51.69 5.54
CA ASP A 365 -12.51 52.69 4.54
C ASP A 365 -12.74 52.12 3.14
N SER A 366 -12.49 52.95 2.12
CA SER A 366 -12.73 52.59 0.73
C SER A 366 -12.02 51.30 0.38
N GLN A 367 -10.74 51.18 0.79
CA GLN A 367 -9.94 49.99 0.59
C GLN A 367 -9.78 49.73 -0.90
N GLU A 368 -9.22 50.72 -1.62
CA GLU A 368 -8.92 50.60 -3.04
C GLU A 368 -7.43 50.30 -3.20
N TYR A 369 -7.13 49.09 -3.68
CA TYR A 369 -5.76 48.63 -3.82
C TYR A 369 -5.32 48.77 -5.28
N LYS A 370 -4.02 49.06 -5.47
CA LYS A 370 -3.40 48.98 -6.78
C LYS A 370 -2.12 48.14 -6.69
N HIS A 371 -1.66 47.70 -7.88
CA HIS A 371 -0.54 46.80 -8.02
C HIS A 371 0.75 47.43 -7.47
N GLU A 372 0.81 48.76 -7.45
CA GLU A 372 1.95 49.49 -6.91
C GLU A 372 2.23 49.09 -5.46
N HIS A 373 1.18 48.66 -4.74
CA HIS A 373 1.28 48.38 -3.31
C HIS A 373 1.97 47.05 -3.03
N PHE A 374 2.07 46.17 -4.03
CA PHE A 374 2.57 44.82 -3.82
C PHE A 374 3.69 44.51 -4.81
N PRO A 375 4.83 45.25 -4.77
CA PRO A 375 5.94 45.02 -5.70
C PRO A 375 6.62 43.66 -5.58
N ASN A 376 6.80 43.18 -4.35
CA ASN A 376 7.51 41.93 -4.09
C ASN A 376 6.66 40.74 -4.56
N ALA A 377 5.36 40.76 -4.23
CA ALA A 377 4.46 39.67 -4.55
C ALA A 377 4.32 39.53 -6.06
N LEU A 378 4.23 40.66 -6.77
CA LEU A 378 4.07 40.66 -8.21
C LEU A 378 5.37 40.22 -8.89
N GLN A 379 6.51 40.60 -8.30
CA GLN A 379 7.82 40.20 -8.79
C GLN A 379 7.96 38.68 -8.67
N MET A 380 7.54 38.13 -7.52
CA MET A 380 7.56 36.69 -7.31
C MET A 380 6.79 35.99 -8.43
N LEU A 381 5.55 36.43 -8.66
CA LEU A 381 4.66 35.79 -9.62
C LEU A 381 5.26 35.81 -11.03
N ARG A 382 6.07 36.84 -11.33
CA ARG A 382 6.66 37.01 -12.65
C ARG A 382 7.90 36.14 -12.84
N SER A 383 8.57 35.75 -11.75
CA SER A 383 9.92 35.25 -11.83
C SER A 383 10.11 33.91 -11.10
N THR A 384 9.02 33.19 -10.82
CA THR A 384 9.13 31.92 -10.12
C THR A 384 8.25 30.86 -10.80
N LEU A 385 8.57 29.59 -10.50
CA LEU A 385 7.73 28.46 -10.83
C LEU A 385 7.63 27.58 -9.59
N VAL A 386 6.57 26.74 -9.53
CA VAL A 386 6.30 25.95 -8.34
C VAL A 386 6.13 24.49 -8.74
N LEU A 387 6.71 23.60 -7.92
CA LEU A 387 6.39 22.19 -7.94
C LEU A 387 5.46 21.90 -6.77
N CYS A 388 4.37 21.18 -7.04
CA CYS A 388 3.37 20.87 -6.02
C CYS A 388 3.38 19.37 -5.74
N ARG A 389 2.81 18.59 -6.65
CA ARG A 389 2.64 17.15 -6.46
C ARG A 389 4.00 16.46 -6.49
N GLU A 390 4.90 16.96 -7.34
CA GLU A 390 6.22 16.36 -7.53
C GLU A 390 6.90 16.04 -6.20
N LEU A 391 6.95 17.02 -5.30
CA LEU A 391 7.74 16.92 -4.08
C LEU A 391 6.86 16.79 -2.84
N ARG A 392 5.54 16.98 -2.99
CA ARG A 392 4.60 16.67 -1.93
C ARG A 392 4.58 15.15 -1.72
N SER A 393 4.55 14.42 -2.84
CA SER A 393 4.67 12.97 -2.83
C SER A 393 6.09 12.59 -2.43
N PRO A 394 6.29 11.61 -1.51
CA PRO A 394 7.64 11.19 -1.10
C PRO A 394 8.24 10.25 -2.14
N VAL A 395 8.73 10.84 -3.24
CA VAL A 395 9.06 10.09 -4.44
C VAL A 395 10.35 9.30 -4.22
N GLU A 396 10.50 8.22 -4.99
CA GLU A 396 11.68 7.37 -4.97
C GLU A 396 12.85 8.10 -5.60
N TYR A 397 14.06 7.59 -5.34
CA TYR A 397 15.30 8.23 -5.75
C TYR A 397 15.32 8.46 -7.27
N GLU A 398 14.83 7.47 -8.03
CA GLU A 398 14.85 7.53 -9.48
C GLU A 398 14.08 8.76 -9.97
N LYS A 399 12.97 9.07 -9.30
CA LYS A 399 12.12 10.19 -9.68
C LYS A 399 12.78 11.51 -9.27
N LEU A 400 13.34 11.56 -8.04
CA LEU A 400 14.03 12.74 -7.56
C LEU A 400 15.17 13.09 -8.52
N HIS A 401 15.94 12.07 -8.93
CA HIS A 401 17.10 12.28 -9.77
C HIS A 401 16.67 12.70 -11.18
N SER A 402 15.48 12.26 -11.60
CA SER A 402 14.90 12.68 -12.87
C SER A 402 14.61 14.19 -12.83
N TYR A 403 14.14 14.70 -11.68
CA TYR A 403 13.90 16.12 -11.52
C TYR A 403 15.23 16.87 -11.65
N ILE A 404 16.25 16.40 -10.94
CA ILE A 404 17.54 17.05 -10.90
C ILE A 404 18.11 17.14 -12.31
N ILE A 405 18.03 16.03 -13.07
CA ILE A 405 18.58 15.99 -14.42
C ILE A 405 17.80 16.94 -15.33
N THR A 406 16.47 17.01 -15.16
CA THR A 406 15.63 17.89 -15.96
C THR A 406 16.13 19.33 -15.84
N PHE A 407 16.37 19.79 -14.60
CA PHE A 407 16.76 21.16 -14.35
C PHE A 407 18.16 21.41 -14.90
N LYS A 408 19.07 20.44 -14.74
CA LYS A 408 20.42 20.56 -15.26
C LYS A 408 20.41 20.56 -16.79
N LYS A 409 19.48 19.81 -17.38
CA LYS A 409 19.32 19.77 -18.84
C LYS A 409 18.90 21.14 -19.34
N VAL A 410 17.87 21.72 -18.72
CA VAL A 410 17.35 23.01 -19.11
C VAL A 410 18.42 24.08 -18.89
N ASP A 411 19.18 23.95 -17.79
CA ASP A 411 20.20 24.91 -17.43
C ASP A 411 21.30 24.96 -18.49
N LYS A 412 21.50 23.85 -19.22
CA LYS A 412 22.53 23.77 -20.23
C LYS A 412 22.04 24.37 -21.55
N ASN A 413 20.77 24.82 -21.59
CA ASN A 413 20.15 25.31 -22.80
C ASN A 413 19.53 26.69 -22.58
N ILE A 414 20.23 27.55 -21.83
CA ILE A 414 19.72 28.86 -21.44
C ILE A 414 19.50 29.72 -22.69
N GLN A 415 20.35 29.54 -23.71
CA GLN A 415 20.24 30.32 -24.94
C GLN A 415 18.96 29.96 -25.67
N ARG A 416 18.58 28.68 -25.65
CA ARG A 416 17.35 28.22 -26.28
C ARG A 416 16.13 28.68 -25.49
N VAL A 417 16.28 28.79 -24.17
CA VAL A 417 15.21 29.31 -23.32
C VAL A 417 14.89 30.75 -23.76
N ALA A 418 15.94 31.55 -24.00
CA ALA A 418 15.79 32.93 -24.40
C ALA A 418 15.07 33.03 -25.74
N GLU A 419 15.50 32.21 -26.71
CA GLU A 419 14.92 32.22 -28.04
C GLU A 419 13.45 31.85 -27.99
N ILE A 420 13.12 30.76 -27.28
CA ILE A 420 11.74 30.30 -27.18
C ILE A 420 10.89 31.37 -26.48
N ALA A 421 11.43 31.94 -25.40
CA ALA A 421 10.72 32.94 -24.61
C ALA A 421 10.41 34.17 -25.46
N SER A 422 11.34 34.56 -26.33
CA SER A 422 11.20 35.77 -27.15
C SER A 422 10.10 35.59 -28.20
N GLN A 423 9.83 34.34 -28.59
CA GLN A 423 8.88 34.04 -29.65
C GLN A 423 7.45 34.03 -29.13
N ILE A 424 7.29 34.01 -27.79
CA ILE A 424 5.96 34.01 -27.18
C ILE A 424 5.30 35.37 -27.44
N ASP A 425 4.01 35.32 -27.79
CA ASP A 425 3.26 36.52 -28.16
C ASP A 425 2.95 37.35 -26.92
N ASP A 426 2.76 38.65 -27.11
CA ASP A 426 2.53 39.58 -26.03
C ASP A 426 1.18 39.31 -25.36
N VAL A 427 1.13 39.54 -24.04
CA VAL A 427 -0.11 39.43 -23.28
C VAL A 427 -0.15 40.60 -22.29
N PRO A 428 -1.32 40.90 -21.68
CA PRO A 428 -1.39 41.84 -20.55
C PRO A 428 -0.58 41.35 -19.35
N MET B 1 -3.15 -0.27 15.95
CA MET B 1 -3.25 -1.52 15.14
C MET B 1 -1.86 -2.18 15.05
N LYS B 2 -1.86 -3.49 14.82
CA LYS B 2 -0.64 -4.23 14.56
C LYS B 2 -0.33 -4.16 13.06
N THR B 3 0.79 -3.51 12.72
CA THR B 3 1.22 -3.35 11.34
C THR B 3 2.72 -3.59 11.25
N ASP B 4 3.17 -3.95 10.04
CA ASP B 4 4.58 -4.24 9.78
C ASP B 4 5.26 -3.06 9.10
N PHE B 5 4.56 -1.91 9.04
CA PHE B 5 5.06 -0.75 8.30
C PHE B 5 6.39 -0.29 8.90
N ILE B 6 7.39 -0.11 8.03
CA ILE B 6 8.71 0.33 8.44
C ILE B 6 8.73 1.86 8.48
N MET B 7 9.09 2.42 9.64
CA MET B 7 8.94 3.83 9.92
C MET B 7 10.24 4.60 9.59
N VAL B 8 11.35 3.87 9.41
CA VAL B 8 12.63 4.50 9.14
C VAL B 8 12.98 4.25 7.68
N PRO B 9 13.15 5.31 6.85
CA PRO B 9 13.58 5.14 5.47
C PRO B 9 15.07 4.87 5.40
N THR B 10 15.49 4.06 4.43
CA THR B 10 16.90 3.77 4.21
C THR B 10 17.56 5.02 3.63
N ALA B 11 18.47 5.62 4.42
CA ALA B 11 19.28 6.72 3.94
C ALA B 11 20.21 6.24 2.83
N MET B 12 20.56 7.16 1.93
CA MET B 12 21.53 6.86 0.88
C MET B 12 22.87 6.60 1.54
N PRO B 13 23.51 5.43 1.31
CA PRO B 13 24.78 5.11 1.96
C PRO B 13 25.93 5.88 1.33
N ASP B 14 26.83 6.38 2.18
CA ASP B 14 28.03 7.08 1.74
C ASP B 14 28.98 6.06 1.10
N GLU B 15 29.51 6.39 -0.08
CA GLU B 15 30.41 5.51 -0.81
C GLU B 15 31.77 5.43 -0.12
N LYS B 16 32.06 6.40 0.75
CA LYS B 16 33.27 6.39 1.58
C LYS B 16 33.28 5.18 2.51
N MET B 17 32.10 4.60 2.78
CA MET B 17 32.00 3.46 3.69
C MET B 17 32.70 2.23 3.13
N ILE B 18 33.01 2.24 1.83
CA ILE B 18 33.88 1.22 1.24
C ILE B 18 35.22 1.19 1.98
N ASN B 19 35.64 2.35 2.50
CA ASN B 19 36.94 2.50 3.16
C ASN B 19 36.82 2.29 4.67
N TYR B 20 35.61 2.07 5.18
CA TYR B 20 35.37 2.01 6.62
C TYR B 20 35.90 0.70 7.19
N GLN B 21 36.12 0.71 8.51
CA GLN B 21 36.41 -0.48 9.29
C GLN B 21 35.20 -1.41 9.24
N LEU B 22 35.47 -2.72 9.22
CA LEU B 22 34.44 -3.74 9.24
C LEU B 22 33.67 -3.68 10.56
N ALA B 23 32.36 -3.97 10.48
CA ALA B 23 31.49 -3.89 11.64
C ALA B 23 31.79 -5.03 12.63
N ILE B 24 32.33 -6.14 12.11
CA ILE B 24 32.72 -7.27 12.94
C ILE B 24 33.88 -6.86 13.85
N ASP B 25 34.66 -5.85 13.43
CA ASP B 25 35.77 -5.33 14.23
C ASP B 25 35.40 -3.97 14.81
N GLY B 26 34.11 -3.76 15.13
CA GLY B 26 33.66 -2.58 15.85
C GLY B 26 33.40 -1.37 14.96
N GLY B 27 33.42 -1.56 13.64
CA GLY B 27 33.20 -0.47 12.70
C GLY B 27 31.71 -0.14 12.56
N GLU B 28 31.41 0.97 11.89
CA GLU B 28 30.04 1.32 11.56
C GLU B 28 29.54 0.41 10.44
N PRO B 29 28.37 -0.25 10.61
CA PRO B 29 27.84 -1.11 9.57
C PRO B 29 27.32 -0.29 8.38
N VAL B 30 27.33 -0.90 7.19
CA VAL B 30 26.83 -0.23 5.99
C VAL B 30 25.34 0.02 6.16
N ILE B 31 24.61 -1.01 6.58
CA ILE B 31 23.18 -0.91 6.84
C ILE B 31 22.97 -0.80 8.34
N PRO B 32 22.46 0.35 8.85
CA PRO B 32 22.07 0.46 10.26
C PRO B 32 21.04 -0.61 10.64
N LYS B 33 20.96 -0.92 11.94
CA LYS B 33 20.14 -2.02 12.43
C LYS B 33 18.67 -1.76 12.13
N ALA B 34 18.28 -0.48 12.14
CA ALA B 34 16.89 -0.07 11.94
C ALA B 34 16.45 -0.24 10.48
N ASN B 35 17.40 -0.51 9.57
CA ASN B 35 17.11 -0.59 8.15
C ASN B 35 17.29 -2.01 7.61
N ARG B 36 17.17 -3.02 8.48
CA ARG B 36 17.50 -4.39 8.09
C ARG B 36 16.25 -5.21 7.78
N LYS B 37 15.06 -4.70 8.13
CA LYS B 37 13.82 -5.37 7.80
C LYS B 37 13.47 -5.15 6.33
N THR B 38 13.02 -6.23 5.68
CA THR B 38 12.38 -6.15 4.37
C THR B 38 11.01 -6.83 4.47
N ILE B 39 9.99 -6.16 3.93
CA ILE B 39 8.62 -6.67 3.97
C ILE B 39 8.39 -7.55 2.74
N PHE B 40 7.80 -8.72 2.95
CA PHE B 40 7.38 -9.59 1.86
C PHE B 40 6.30 -10.54 2.35
N PRO B 41 5.20 -10.77 1.59
CA PRO B 41 4.93 -10.08 0.32
C PRO B 41 4.68 -8.58 0.44
N ASN B 42 4.56 -7.92 -0.72
CA ASN B 42 4.16 -6.53 -0.79
C ASN B 42 2.64 -6.47 -0.72
N ILE B 43 2.09 -6.30 0.49
CA ILE B 43 0.66 -6.25 0.69
C ILE B 43 0.19 -4.81 0.53
N ALA B 44 -0.73 -4.61 -0.43
CA ALA B 44 -1.23 -3.29 -0.76
C ALA B 44 -2.73 -3.23 -0.52
N LYS B 45 -3.29 -2.02 -0.60
CA LYS B 45 -4.72 -1.78 -0.46
C LYS B 45 -5.51 -2.70 -1.39
N GLU B 46 -4.97 -2.93 -2.60
CA GLU B 46 -5.63 -3.73 -3.62
C GLU B 46 -5.93 -5.14 -3.09
N ASP B 47 -5.00 -5.68 -2.28
CA ASP B 47 -5.11 -7.04 -1.79
C ASP B 47 -6.25 -7.15 -0.78
N LEU B 48 -6.40 -6.12 0.06
CA LEU B 48 -7.48 -6.08 1.04
C LEU B 48 -8.82 -5.96 0.33
N PHE B 49 -8.92 -5.04 -0.62
CA PHE B 49 -10.15 -4.84 -1.36
C PHE B 49 -10.53 -6.13 -2.09
N GLN B 50 -9.53 -6.81 -2.65
CA GLN B 50 -9.73 -8.05 -3.41
C GLN B 50 -10.41 -9.10 -2.54
N MET B 51 -10.06 -9.16 -1.24
CA MET B 51 -10.67 -10.11 -0.33
C MET B 51 -12.17 -9.83 -0.18
N MET B 52 -12.54 -8.54 -0.19
CA MET B 52 -13.92 -8.13 -0.03
C MET B 52 -14.73 -8.44 -1.29
N ILE B 53 -14.05 -8.56 -2.43
CA ILE B 53 -14.67 -8.96 -3.67
C ILE B 53 -14.91 -10.47 -3.66
N SER B 54 -13.84 -11.23 -3.35
CA SER B 54 -13.84 -12.68 -3.50
C SER B 54 -14.71 -13.36 -2.44
N VAL B 55 -14.90 -12.70 -1.30
CA VAL B 55 -15.66 -13.27 -0.19
C VAL B 55 -17.13 -13.41 -0.57
N GLN B 56 -17.58 -12.60 -1.54
CA GLN B 56 -18.99 -12.58 -1.95
C GLN B 56 -19.27 -13.66 -3.00
N LYS B 57 -18.23 -14.24 -3.60
CA LYS B 57 -18.41 -15.23 -4.66
C LYS B 57 -18.31 -16.64 -4.08
N PRO B 58 -18.85 -17.66 -4.78
CA PRO B 58 -18.61 -19.06 -4.42
C PRO B 58 -17.11 -19.35 -4.43
N GLU B 59 -16.63 -20.07 -3.40
CA GLU B 59 -15.21 -20.31 -3.20
C GLU B 59 -14.60 -20.98 -4.43
N GLU B 60 -15.34 -21.89 -5.07
CA GLU B 60 -14.84 -22.62 -6.22
C GLU B 60 -14.62 -21.67 -7.41
N MET B 61 -15.50 -20.66 -7.56
CA MET B 61 -15.36 -19.69 -8.63
C MET B 61 -14.06 -18.90 -8.47
N VAL B 62 -13.76 -18.50 -7.23
CA VAL B 62 -12.57 -17.72 -6.92
C VAL B 62 -11.34 -18.52 -7.32
N VAL B 63 -11.33 -19.81 -6.95
CA VAL B 63 -10.19 -20.68 -7.18
C VAL B 63 -9.98 -20.87 -8.69
N SER B 64 -11.06 -21.15 -9.42
CA SER B 64 -10.96 -21.41 -10.85
C SER B 64 -10.67 -20.12 -11.61
N GLU B 65 -11.18 -18.99 -11.10
CA GLU B 65 -10.87 -17.67 -11.64
C GLU B 65 -9.35 -17.45 -11.59
N PHE B 66 -8.75 -17.68 -10.42
CA PHE B 66 -7.32 -17.51 -10.25
C PHE B 66 -6.57 -18.45 -11.20
N ALA B 67 -6.94 -19.74 -11.17
CA ALA B 67 -6.27 -20.76 -11.95
C ALA B 67 -6.28 -20.39 -13.43
N GLU B 68 -7.43 -19.91 -13.92
CA GLU B 68 -7.60 -19.56 -15.32
C GLU B 68 -6.74 -18.34 -15.65
N LYS B 69 -6.79 -17.32 -14.77
CA LYS B 69 -6.08 -16.07 -14.99
C LYS B 69 -4.57 -16.31 -15.06
N TYR B 70 -4.06 -17.13 -14.13
CA TYR B 70 -2.62 -17.37 -14.04
C TYR B 70 -2.19 -18.29 -15.18
N ARG B 71 -3.04 -19.25 -15.55
CA ARG B 71 -2.75 -20.18 -16.64
C ARG B 71 -2.56 -19.40 -17.94
N GLN B 72 -3.45 -18.43 -18.20
CA GLN B 72 -3.40 -17.63 -19.42
C GLN B 72 -2.08 -16.86 -19.48
N ARG B 73 -1.63 -16.31 -18.35
CA ARG B 73 -0.38 -15.59 -18.28
C ARG B 73 0.78 -16.53 -18.60
N VAL B 74 0.83 -17.67 -17.89
CA VAL B 74 1.92 -18.62 -18.02
C VAL B 74 1.92 -19.21 -19.43
N GLY B 75 0.73 -19.43 -19.99
CA GLY B 75 0.59 -19.93 -21.35
C GLY B 75 0.53 -21.46 -21.40
N ALA B 76 0.24 -22.08 -20.25
CA ALA B 76 0.09 -23.53 -20.16
C ALA B 76 -1.27 -23.92 -20.72
N PRO B 77 -1.36 -24.99 -21.56
CA PRO B 77 -2.66 -25.47 -22.05
C PRO B 77 -3.66 -25.83 -20.95
N TYR B 78 -3.20 -26.50 -19.89
CA TYR B 78 -4.07 -26.97 -18.82
C TYR B 78 -3.42 -26.71 -17.47
N ALA B 79 -4.27 -26.51 -16.44
CA ALA B 79 -3.79 -26.21 -15.10
C ALA B 79 -4.77 -26.74 -14.05
N ILE B 80 -4.22 -27.24 -12.94
CA ILE B 80 -4.99 -27.62 -11.76
C ILE B 80 -4.44 -26.83 -10.57
N PRO B 81 -5.27 -25.99 -9.89
CA PRO B 81 -4.84 -25.32 -8.67
C PRO B 81 -4.88 -26.28 -7.48
N THR B 82 -3.88 -26.17 -6.59
CA THR B 82 -3.73 -27.10 -5.48
C THR B 82 -3.49 -26.35 -4.17
N ALA B 83 -3.43 -27.13 -3.08
CA ALA B 83 -3.25 -26.62 -1.73
C ALA B 83 -1.80 -26.25 -1.47
N SER B 84 -0.89 -26.68 -2.35
CA SER B 84 0.54 -26.58 -2.10
C SER B 84 1.34 -26.88 -3.35
N GLY B 85 2.60 -26.44 -3.37
CA GLY B 85 3.54 -26.80 -4.41
C GLY B 85 3.81 -28.31 -4.42
N THR B 86 3.99 -28.88 -3.24
CA THR B 86 4.29 -30.30 -3.10
C THR B 86 3.23 -31.12 -3.81
N SER B 87 1.96 -30.82 -3.54
CA SER B 87 0.84 -31.56 -4.10
C SER B 87 0.76 -31.34 -5.62
N SER B 88 1.11 -30.13 -6.08
CA SER B 88 1.09 -29.83 -7.50
C SER B 88 2.12 -30.68 -8.25
N LEU B 89 3.27 -30.92 -7.60
CA LEU B 89 4.32 -31.75 -8.17
C LEU B 89 3.87 -33.21 -8.20
N HIS B 90 3.15 -33.65 -7.16
CA HIS B 90 2.60 -34.99 -7.11
C HIS B 90 1.67 -35.21 -8.31
N LEU B 91 0.72 -34.28 -8.50
CA LEU B 91 -0.25 -34.38 -9.58
C LEU B 91 0.43 -34.29 -10.94
N ALA B 92 1.48 -33.45 -11.02
CA ALA B 92 2.24 -33.29 -12.25
C ALA B 92 2.87 -34.61 -12.67
N LEU B 93 3.50 -35.29 -11.70
CA LEU B 93 4.19 -36.55 -11.94
C LEU B 93 3.19 -37.61 -12.41
N VAL B 94 2.07 -37.74 -11.69
CA VAL B 94 1.07 -38.77 -11.97
C VAL B 94 0.42 -38.50 -13.33
N GLY B 95 0.01 -37.24 -13.55
CA GLY B 95 -0.60 -36.84 -14.81
C GLY B 95 0.28 -37.19 -16.00
N ALA B 96 1.60 -36.97 -15.86
CA ALA B 96 2.54 -37.16 -16.94
C ALA B 96 2.76 -38.65 -17.25
N GLY B 97 2.40 -39.53 -16.30
CA GLY B 97 2.39 -40.96 -16.54
C GLY B 97 3.36 -41.74 -15.64
N VAL B 98 3.85 -41.10 -14.57
CA VAL B 98 4.69 -41.78 -13.59
C VAL B 98 3.81 -42.75 -12.79
N LYS B 99 4.32 -43.97 -12.58
CA LYS B 99 3.57 -45.03 -11.93
C LYS B 99 4.42 -45.66 -10.83
N ALA B 100 3.78 -46.51 -10.01
CA ALA B 100 4.43 -47.15 -8.89
C ALA B 100 5.63 -47.96 -9.38
N GLY B 101 6.80 -47.74 -8.75
CA GLY B 101 7.99 -48.52 -9.02
C GLY B 101 8.91 -47.87 -10.05
N ASP B 102 8.41 -46.83 -10.74
CA ASP B 102 9.22 -46.08 -11.69
C ASP B 102 10.30 -45.30 -10.94
N GLU B 103 11.42 -45.06 -11.63
CA GLU B 103 12.47 -44.19 -11.13
C GLU B 103 12.31 -42.81 -11.77
N VAL B 104 12.57 -41.77 -10.98
CA VAL B 104 12.54 -40.39 -11.44
C VAL B 104 13.88 -39.76 -11.07
N ILE B 105 14.62 -39.29 -12.10
CA ILE B 105 15.89 -38.63 -11.86
C ILE B 105 15.62 -37.20 -11.42
N VAL B 106 16.25 -36.81 -10.31
CA VAL B 106 15.99 -35.54 -9.65
C VAL B 106 17.32 -35.02 -9.09
N PRO B 107 17.56 -33.69 -9.07
CA PRO B 107 18.78 -33.16 -8.47
C PRO B 107 18.88 -33.49 -6.98
N ALA B 108 20.10 -33.73 -6.51
CA ALA B 108 20.37 -33.98 -5.11
C ALA B 108 20.23 -32.67 -4.32
N PHE B 109 20.46 -31.55 -5.01
CA PHE B 109 20.26 -30.23 -4.43
C PHE B 109 18.91 -29.67 -4.87
N THR B 110 17.94 -29.73 -3.94
CA THR B 110 16.68 -29.03 -4.05
C THR B 110 15.99 -29.14 -2.69
N PHE B 111 14.79 -28.56 -2.57
CA PHE B 111 14.02 -28.66 -1.35
C PHE B 111 13.41 -30.06 -1.24
N ILE B 112 13.23 -30.53 0.00
CA ILE B 112 12.78 -31.88 0.30
C ILE B 112 11.50 -32.20 -0.47
N ALA B 113 10.63 -31.20 -0.65
CA ALA B 113 9.31 -31.40 -1.21
C ALA B 113 9.37 -31.98 -2.63
N THR B 114 10.39 -31.60 -3.40
CA THR B 114 10.56 -32.11 -4.76
C THR B 114 10.61 -33.63 -4.72
N ALA B 115 11.39 -34.18 -3.78
CA ALA B 115 11.63 -35.61 -3.71
C ALA B 115 10.45 -36.32 -3.03
N GLN B 116 9.81 -35.64 -2.07
CA GLN B 116 8.67 -36.19 -1.37
C GLN B 116 7.48 -36.31 -2.32
N ALA B 117 7.44 -35.46 -3.35
CA ALA B 117 6.42 -35.55 -4.39
C ALA B 117 6.61 -36.82 -5.22
N ILE B 118 7.87 -37.19 -5.47
CA ILE B 118 8.21 -38.40 -6.22
C ILE B 118 7.74 -39.62 -5.43
N VAL B 119 8.04 -39.64 -4.13
CA VAL B 119 7.68 -40.76 -3.27
C VAL B 119 6.16 -40.87 -3.18
N ALA B 120 5.48 -39.72 -3.07
CA ALA B 120 4.02 -39.69 -3.04
C ALA B 120 3.45 -40.29 -4.32
N ALA B 121 4.15 -40.09 -5.45
CA ALA B 121 3.77 -40.70 -6.72
C ALA B 121 4.14 -42.18 -6.76
N LYS B 122 4.67 -42.69 -5.64
CA LYS B 122 5.02 -44.10 -5.48
C LYS B 122 6.20 -44.45 -6.40
N ALA B 123 7.05 -43.45 -6.69
CA ALA B 123 8.22 -43.62 -7.53
C ALA B 123 9.47 -43.46 -6.68
N ILE B 124 10.61 -43.90 -7.24
CA ILE B 124 11.88 -43.91 -6.54
C ILE B 124 12.73 -42.74 -7.02
N PRO B 125 13.08 -41.77 -6.13
CA PRO B 125 14.03 -40.71 -6.48
C PRO B 125 15.42 -41.27 -6.78
N VAL B 126 15.97 -40.87 -7.93
CA VAL B 126 17.34 -41.20 -8.30
C VAL B 126 18.12 -39.89 -8.37
N PHE B 127 18.95 -39.66 -7.34
CA PHE B 127 19.54 -38.35 -7.12
C PHE B 127 20.76 -38.17 -8.02
N ALA B 128 20.89 -36.97 -8.59
CA ALA B 128 21.97 -36.63 -9.49
C ALA B 128 22.62 -35.32 -9.07
N ASP B 129 23.88 -35.14 -9.47
CA ASP B 129 24.65 -33.95 -9.14
C ASP B 129 24.20 -32.80 -10.03
N ILE B 130 24.62 -31.59 -9.65
CA ILE B 130 24.18 -30.37 -10.31
C ILE B 130 25.33 -29.78 -11.11
N ASP B 131 24.99 -28.89 -12.05
CA ASP B 131 25.97 -28.09 -12.78
C ASP B 131 26.59 -27.09 -11.82
N PRO B 132 27.93 -26.91 -11.82
CA PRO B 132 28.59 -26.02 -10.86
C PRO B 132 28.36 -24.53 -11.03
N GLN B 133 27.73 -24.13 -12.13
CA GLN B 133 27.48 -22.72 -12.41
C GLN B 133 25.98 -22.41 -12.35
N THR B 134 25.15 -23.27 -12.94
CA THR B 134 23.71 -23.06 -12.98
C THR B 134 23.06 -23.56 -11.69
N TYR B 135 23.69 -24.57 -11.08
CA TYR B 135 23.22 -25.18 -9.83
C TYR B 135 22.01 -26.07 -10.11
N CYS B 136 21.68 -26.30 -11.38
CA CYS B 136 20.54 -27.12 -11.76
C CYS B 136 21.03 -28.52 -12.11
N LEU B 137 20.06 -29.46 -12.23
CA LEU B 137 20.34 -30.83 -12.61
C LEU B 137 21.27 -30.86 -13.82
N ASP B 138 22.44 -31.50 -13.63
CA ASP B 138 23.46 -31.57 -14.67
C ASP B 138 23.03 -32.57 -15.74
N PRO B 139 22.81 -32.14 -17.00
CA PRO B 139 22.40 -33.07 -18.06
C PRO B 139 23.49 -34.05 -18.49
N ARG B 140 24.74 -33.75 -18.14
CA ARG B 140 25.88 -34.56 -18.52
C ARG B 140 25.96 -35.83 -17.66
N GLN B 141 25.19 -35.87 -16.57
CA GLN B 141 25.26 -36.97 -15.62
C GLN B 141 23.98 -37.82 -15.66
N LEU B 142 23.25 -37.77 -16.78
CA LEU B 142 21.97 -38.47 -16.87
C LEU B 142 22.17 -39.88 -17.43
N ASP B 143 23.19 -40.06 -18.28
CA ASP B 143 23.50 -41.37 -18.84
C ASP B 143 23.93 -42.35 -17.74
N LYS B 144 24.54 -41.82 -16.67
CA LYS B 144 25.02 -42.66 -15.58
C LYS B 144 23.86 -43.12 -14.69
N LYS B 145 22.78 -42.31 -14.62
CA LYS B 145 21.72 -42.53 -13.65
C LYS B 145 20.52 -43.25 -14.27
N VAL B 146 20.44 -43.28 -15.60
CA VAL B 146 19.30 -43.88 -16.28
C VAL B 146 19.40 -45.40 -16.18
N THR B 147 18.26 -46.03 -15.86
CA THR B 147 18.13 -47.49 -15.88
C THR B 147 16.92 -47.86 -16.71
N ALA B 148 16.61 -49.16 -16.76
CA ALA B 148 15.40 -49.64 -17.41
C ALA B 148 14.16 -49.20 -16.65
N ARG B 149 14.34 -48.81 -15.38
CA ARG B 149 13.24 -48.46 -14.49
C ARG B 149 12.92 -46.96 -14.57
N THR B 150 13.79 -46.18 -15.21
CA THR B 150 13.60 -44.74 -15.31
C THR B 150 12.41 -44.44 -16.21
N LYS B 151 11.53 -43.52 -15.75
CA LYS B 151 10.37 -43.11 -16.52
C LYS B 151 10.39 -41.60 -16.77
N ALA B 152 11.01 -40.83 -15.88
CA ALA B 152 10.97 -39.37 -16.00
C ALA B 152 12.24 -38.73 -15.44
N VAL B 153 12.44 -37.46 -15.83
CA VAL B 153 13.47 -36.59 -15.29
C VAL B 153 12.78 -35.35 -14.74
N MET B 154 13.21 -34.91 -13.55
CA MET B 154 12.51 -33.87 -12.81
C MET B 154 13.50 -32.75 -12.47
N PRO B 155 13.85 -31.86 -13.44
CA PRO B 155 14.72 -30.72 -13.14
C PRO B 155 14.02 -29.68 -12.27
N VAL B 156 14.82 -28.99 -11.44
CA VAL B 156 14.33 -27.89 -10.63
C VAL B 156 14.96 -26.61 -11.16
N HIS B 157 14.10 -25.61 -11.46
CA HIS B 157 14.56 -24.29 -11.85
C HIS B 157 15.01 -23.56 -10.58
N VAL B 158 16.11 -24.02 -9.98
CA VAL B 158 16.46 -23.66 -8.62
C VAL B 158 16.98 -22.23 -8.60
N HIS B 159 16.60 -21.49 -7.54
CA HIS B 159 16.95 -20.09 -7.35
C HIS B 159 16.09 -19.17 -8.21
N GLY B 160 15.47 -19.73 -9.27
CA GLY B 160 14.74 -18.94 -10.25
C GLY B 160 15.41 -18.96 -11.62
N LEU B 161 16.55 -19.66 -11.73
CA LEU B 161 17.23 -19.84 -13.01
C LEU B 161 16.64 -21.06 -13.72
N PRO B 162 16.22 -20.93 -15.01
CA PRO B 162 15.84 -22.09 -15.80
C PRO B 162 16.92 -23.15 -15.88
N ALA B 163 16.53 -24.42 -15.72
CA ALA B 163 17.39 -25.56 -15.98
C ALA B 163 17.60 -25.68 -17.49
N ASP B 164 18.52 -26.58 -17.88
CA ASP B 164 18.89 -26.76 -19.27
C ASP B 164 17.85 -27.64 -19.97
N ILE B 165 16.71 -27.03 -20.30
CA ILE B 165 15.57 -27.72 -20.88
C ILE B 165 15.94 -28.33 -22.24
N ASP B 166 16.78 -27.62 -23.01
CA ASP B 166 17.17 -28.08 -24.33
C ASP B 166 17.86 -29.43 -24.25
N ALA B 167 18.84 -29.54 -23.34
CA ALA B 167 19.62 -30.76 -23.18
C ALA B 167 18.80 -31.86 -22.52
N LEU B 168 17.98 -31.47 -21.53
CA LEU B 168 17.20 -32.43 -20.76
C LEU B 168 16.07 -33.02 -21.61
N ALA B 169 15.43 -32.17 -22.43
CA ALA B 169 14.34 -32.62 -23.31
C ALA B 169 14.89 -33.52 -24.42
N SER B 170 16.11 -33.21 -24.88
CA SER B 170 16.81 -34.03 -25.86
C SER B 170 17.05 -35.43 -25.30
N PHE B 171 17.54 -35.49 -24.06
CA PHE B 171 17.81 -36.74 -23.39
C PHE B 171 16.51 -37.52 -23.18
N CYS B 172 15.43 -36.80 -22.84
CA CYS B 172 14.14 -37.41 -22.56
C CYS B 172 13.55 -38.06 -23.80
N ARG B 173 13.68 -37.40 -24.96
CA ARG B 173 13.15 -37.93 -26.21
C ARG B 173 13.93 -39.19 -26.63
N GLN B 174 15.26 -39.14 -26.49
CA GLN B 174 16.12 -40.27 -26.83
C GLN B 174 15.75 -41.49 -25.99
N HIS B 175 15.48 -41.29 -24.71
CA HIS B 175 15.27 -42.39 -23.77
C HIS B 175 13.79 -42.56 -23.46
N GLN B 176 12.92 -41.86 -24.21
CA GLN B 176 11.47 -41.98 -24.05
C GLN B 176 11.07 -41.78 -22.60
N LEU B 177 11.55 -40.66 -22.01
CA LEU B 177 11.23 -40.31 -20.64
C LEU B 177 10.33 -39.07 -20.64
N ALA B 178 9.46 -38.98 -19.62
CA ALA B 178 8.67 -37.78 -19.39
C ALA B 178 9.56 -36.72 -18.72
N LEU B 179 9.21 -35.45 -18.93
CA LEU B 179 9.94 -34.34 -18.34
C LEU B 179 9.00 -33.55 -17.44
N ILE B 180 9.35 -33.46 -16.15
CA ILE B 180 8.51 -32.81 -15.16
C ILE B 180 9.31 -31.67 -14.53
N GLU B 181 8.85 -30.43 -14.70
CA GLU B 181 9.53 -29.27 -14.14
C GLU B 181 9.05 -29.01 -12.71
N ASP B 182 9.99 -28.64 -11.85
CA ASP B 182 9.67 -27.99 -10.58
C ASP B 182 9.98 -26.51 -10.72
N ALA B 183 8.93 -25.69 -10.89
CA ALA B 183 9.09 -24.28 -11.18
C ALA B 183 8.77 -23.44 -9.94
N SER B 184 9.05 -23.99 -8.76
CA SER B 184 8.62 -23.40 -7.49
C SER B 184 9.37 -22.11 -7.18
N HIS B 185 10.52 -21.88 -7.82
CA HIS B 185 11.27 -20.65 -7.63
C HIS B 185 11.21 -19.76 -8.88
N ALA B 186 10.60 -20.28 -9.96
CA ALA B 186 10.81 -19.74 -11.29
C ALA B 186 9.55 -19.06 -11.82
N HIS B 187 8.87 -18.32 -10.95
CA HIS B 187 7.75 -17.47 -11.36
C HIS B 187 8.30 -16.36 -12.25
N SER B 188 7.80 -16.28 -13.48
CA SER B 188 8.15 -15.24 -14.44
C SER B 188 9.50 -15.50 -15.11
N ALA B 189 10.16 -16.61 -14.75
CA ALA B 189 11.43 -16.97 -15.39
C ALA B 189 11.14 -17.55 -16.78
N THR B 190 11.98 -17.19 -17.76
CA THR B 190 11.75 -17.57 -19.14
C THR B 190 13.00 -18.21 -19.73
N LEU B 191 12.77 -19.08 -20.72
CA LEU B 191 13.82 -19.61 -21.58
C LEU B 191 13.33 -19.52 -23.01
N HIS B 192 14.08 -18.79 -23.86
CA HIS B 192 13.65 -18.45 -25.20
C HIS B 192 12.32 -17.71 -25.16
N GLY B 193 12.11 -16.91 -24.10
CA GLY B 193 10.92 -16.07 -23.98
C GLY B 193 9.67 -16.84 -23.56
N ARG B 194 9.81 -18.14 -23.27
CA ARG B 194 8.68 -18.94 -22.81
C ARG B 194 8.84 -19.20 -21.32
N TYR B 195 7.71 -19.17 -20.59
CA TYR B 195 7.72 -19.25 -19.15
C TYR B 195 8.02 -20.67 -18.69
N CYS B 196 8.81 -20.78 -17.61
CA CYS B 196 9.02 -22.05 -16.93
C CYS B 196 7.66 -22.61 -16.50
N GLY B 197 7.48 -23.92 -16.72
CA GLY B 197 6.22 -24.58 -16.41
C GLY B 197 5.49 -25.05 -17.67
N THR B 198 5.92 -24.56 -18.85
CA THR B 198 5.28 -24.89 -20.11
C THR B 198 6.15 -25.82 -20.95
N PHE B 199 7.35 -26.17 -20.46
CA PHE B 199 8.32 -26.92 -21.25
C PHE B 199 8.08 -28.42 -21.10
N GLY B 200 7.90 -28.87 -19.85
CA GLY B 200 7.76 -30.28 -19.56
C GLY B 200 6.39 -30.80 -19.95
N ASP B 201 6.24 -32.14 -19.95
CA ASP B 201 4.96 -32.78 -20.15
C ASP B 201 3.99 -32.31 -19.07
N ALA B 202 4.53 -32.07 -17.87
CA ALA B 202 3.80 -31.41 -16.80
C ALA B 202 4.79 -30.64 -15.93
N ALA B 203 4.24 -29.86 -14.99
CA ALA B 203 5.05 -29.09 -14.06
C ALA B 203 4.24 -28.80 -12.81
N GLY B 204 4.93 -28.71 -11.67
CA GLY B 204 4.36 -28.19 -10.43
C GLY B 204 5.04 -26.89 -10.04
N GLN B 205 4.35 -26.08 -9.22
CA GLN B 205 4.86 -24.77 -8.85
C GLN B 205 4.24 -24.33 -7.52
N SER B 206 5.08 -24.19 -6.50
CA SER B 206 4.68 -23.58 -5.24
C SER B 206 4.20 -22.17 -5.50
N LEU B 207 3.09 -21.80 -4.85
CA LEU B 207 2.57 -20.44 -4.88
C LEU B 207 2.48 -19.92 -3.44
N MET B 208 3.41 -20.38 -2.61
CA MET B 208 3.45 -20.02 -1.19
C MET B 208 3.75 -18.53 -1.07
N ALA B 209 3.49 -17.97 0.12
CA ALA B 209 3.59 -16.53 0.34
C ALA B 209 5.05 -16.05 0.36
N ASP B 210 6.02 -16.96 0.23
CA ASP B 210 7.42 -16.60 0.23
C ASP B 210 8.01 -16.63 -1.19
N LYS B 211 7.15 -16.84 -2.20
CA LYS B 211 7.59 -16.91 -3.58
C LYS B 211 7.37 -15.57 -4.27
N ASN B 212 8.10 -15.35 -5.37
CA ASN B 212 8.08 -14.09 -6.08
C ASN B 212 6.64 -13.71 -6.45
N PHE B 213 5.86 -14.70 -6.89
CA PHE B 213 4.43 -14.53 -7.08
C PHE B 213 3.71 -15.25 -5.95
N PRO B 214 3.30 -14.53 -4.87
CA PRO B 214 2.73 -15.17 -3.68
C PRO B 214 1.20 -15.18 -3.63
N LEU B 215 0.63 -16.33 -3.24
CA LEU B 215 -0.77 -16.42 -2.86
C LEU B 215 -0.85 -16.26 -1.34
N GLY B 216 -2.08 -16.21 -0.81
CA GLY B 216 -2.31 -15.77 0.55
C GLY B 216 -2.11 -16.89 1.58
N GLY B 217 -0.90 -17.47 1.61
CA GLY B 217 -0.56 -18.50 2.57
C GLY B 217 0.10 -19.69 1.87
N GLU B 218 -0.65 -20.80 1.78
CA GLU B 218 -0.19 -22.01 1.14
C GLU B 218 -1.01 -22.23 -0.12
N ALA B 219 -0.33 -22.56 -1.23
CA ALA B 219 -0.97 -22.81 -2.50
C ALA B 219 0.04 -23.35 -3.50
N GLY B 220 -0.49 -23.91 -4.59
CA GLY B 220 0.33 -24.36 -5.71
C GLY B 220 -0.51 -24.52 -6.97
N ILE B 221 0.15 -24.85 -8.08
CA ILE B 221 -0.55 -25.08 -9.33
C ILE B 221 0.26 -26.08 -10.16
N ALA B 222 -0.46 -27.00 -10.81
CA ALA B 222 0.13 -27.95 -11.74
C ALA B 222 -0.21 -27.55 -13.16
N PHE B 223 0.78 -27.61 -14.05
CA PHE B 223 0.60 -27.33 -15.46
C PHE B 223 0.78 -28.62 -16.26
N PHE B 224 0.01 -28.76 -17.35
CA PHE B 224 0.08 -29.93 -18.20
C PHE B 224 0.10 -29.47 -19.66
N LYS B 225 0.90 -30.17 -20.47
CA LYS B 225 1.07 -29.84 -21.88
C LYS B 225 -0.11 -30.40 -22.67
N GLU B 226 -0.41 -31.68 -22.46
CA GLU B 226 -1.44 -32.39 -23.20
C GLU B 226 -2.65 -32.63 -22.30
N ARG B 227 -3.83 -32.71 -22.93
CA ARG B 227 -5.08 -32.94 -22.22
C ARG B 227 -5.05 -34.31 -21.54
N GLU B 228 -4.40 -35.28 -22.18
CA GLU B 228 -4.26 -36.63 -21.66
C GLU B 228 -3.73 -36.58 -20.22
N SER B 229 -2.66 -35.80 -20.01
CA SER B 229 -2.00 -35.70 -18.72
C SER B 229 -2.90 -35.01 -17.70
N TYR B 230 -3.61 -33.97 -18.15
CA TYR B 230 -4.56 -33.25 -17.32
C TYR B 230 -5.66 -34.19 -16.84
N ASP B 231 -6.16 -35.04 -17.75
CA ASP B 231 -7.23 -35.97 -17.45
C ASP B 231 -6.76 -37.02 -16.45
N ARG B 232 -5.54 -37.54 -16.65
CA ARG B 232 -4.98 -38.57 -15.79
C ARG B 232 -4.79 -38.04 -14.37
N ALA B 233 -4.41 -36.75 -14.26
CA ALA B 233 -4.26 -36.10 -12.97
C ALA B 233 -5.60 -36.01 -12.25
N LEU B 234 -6.64 -35.58 -12.98
CA LEU B 234 -7.98 -35.46 -12.42
C LEU B 234 -8.52 -36.84 -12.06
N ALA B 235 -8.25 -37.84 -12.92
CA ALA B 235 -8.64 -39.21 -12.67
C ALA B 235 -8.02 -39.69 -11.35
N PHE B 236 -6.74 -39.36 -11.13
CA PHE B 236 -6.02 -39.79 -9.95
C PHE B 236 -6.67 -39.19 -8.69
N LEU B 237 -7.08 -37.92 -8.76
CA LEU B 237 -7.74 -37.26 -7.63
C LEU B 237 -9.04 -37.97 -7.31
N GLU B 238 -9.76 -38.40 -8.35
CA GLU B 238 -11.03 -39.09 -8.19
C GLU B 238 -10.80 -40.46 -7.55
N GLU B 239 -9.74 -41.16 -7.97
CA GLU B 239 -9.49 -42.53 -7.56
C GLU B 239 -8.80 -42.58 -6.20
N SER B 240 -7.90 -41.62 -5.94
CA SER B 240 -7.07 -41.64 -4.74
C SER B 240 -7.87 -41.17 -3.52
N GLY B 241 -8.77 -40.21 -3.71
CA GLY B 241 -9.56 -39.66 -2.62
C GLY B 241 -8.81 -38.57 -1.85
N LEU B 242 -7.65 -38.15 -2.38
CA LEU B 242 -6.89 -37.06 -1.79
C LEU B 242 -7.60 -35.74 -2.07
N ASP B 243 -7.69 -34.89 -1.03
CA ASP B 243 -8.19 -33.54 -1.19
C ASP B 243 -6.99 -32.58 -1.22
N TYR B 244 -6.64 -32.12 -2.43
CA TYR B 244 -5.51 -31.24 -2.65
C TYR B 244 -5.99 -29.85 -3.09
N ARG B 245 -7.18 -29.44 -2.65
CA ARG B 245 -7.83 -28.25 -3.18
C ARG B 245 -7.24 -26.97 -2.56
N MET B 246 -7.26 -25.90 -3.36
CA MET B 246 -6.79 -24.59 -2.96
C MET B 246 -7.90 -23.86 -2.20
N SER B 247 -7.50 -23.02 -1.25
CA SER B 247 -8.42 -22.14 -0.53
C SER B 247 -8.70 -20.89 -1.37
N TRP B 248 -9.93 -20.39 -1.31
CA TRP B 248 -10.30 -19.18 -2.04
C TRP B 248 -9.54 -17.99 -1.47
N VAL B 249 -9.29 -18.02 -0.15
CA VAL B 249 -8.56 -16.97 0.52
C VAL B 249 -7.18 -16.83 -0.10
N ALA B 250 -6.49 -17.97 -0.27
CA ALA B 250 -5.18 -17.99 -0.90
C ALA B 250 -5.28 -17.49 -2.34
N ALA B 251 -6.28 -18.01 -3.06
CA ALA B 251 -6.48 -17.69 -4.48
C ALA B 251 -6.70 -16.19 -4.68
N ALA B 252 -7.52 -15.59 -3.80
CA ALA B 252 -7.91 -14.19 -3.93
C ALA B 252 -6.68 -13.28 -3.87
N PHE B 253 -5.78 -13.55 -2.92
CA PHE B 253 -4.55 -12.79 -2.78
C PHE B 253 -3.73 -12.91 -4.07
N GLY B 254 -3.76 -14.09 -4.68
CA GLY B 254 -3.09 -14.33 -5.96
C GLY B 254 -3.65 -13.44 -7.06
N ILE B 255 -4.97 -13.30 -7.12
CA ILE B 255 -5.64 -12.56 -8.18
C ILE B 255 -5.16 -11.11 -8.18
N SER B 256 -5.10 -10.49 -6.99
CA SER B 256 -4.68 -9.11 -6.89
C SER B 256 -3.17 -8.98 -7.10
N GLN B 257 -2.39 -9.89 -6.50
CA GLN B 257 -0.94 -9.87 -6.64
C GLN B 257 -0.53 -9.97 -8.11
N LEU B 258 -1.29 -10.75 -8.89
CA LEU B 258 -0.96 -11.02 -10.28
C LEU B 258 -1.03 -9.75 -11.14
N ASP B 259 -1.88 -8.79 -10.72
CA ASP B 259 -2.04 -7.54 -11.43
C ASP B 259 -0.81 -6.63 -11.25
N ARG B 260 0.00 -6.88 -10.21
CA ARG B 260 1.14 -6.02 -9.92
C ARG B 260 2.46 -6.76 -10.11
N LEU B 261 2.40 -8.02 -10.57
CA LEU B 261 3.57 -8.89 -10.61
C LEU B 261 4.63 -8.31 -11.55
N ASP B 262 4.19 -7.80 -12.71
CA ASP B 262 5.10 -7.30 -13.73
C ASP B 262 5.92 -6.12 -13.20
N TYR B 263 5.29 -5.29 -12.36
CA TYR B 263 5.96 -4.14 -11.77
C TYR B 263 7.06 -4.61 -10.82
N TYR B 264 6.69 -5.48 -9.87
CA TYR B 264 7.63 -5.99 -8.88
C TYR B 264 8.75 -6.77 -9.56
N ASP B 265 8.42 -7.53 -10.61
CA ASP B 265 9.38 -8.31 -11.35
C ASP B 265 10.44 -7.41 -11.99
N GLU B 266 10.00 -6.27 -12.52
CA GLU B 266 10.89 -5.36 -13.23
C GLU B 266 11.94 -4.80 -12.26
N ILE B 267 11.50 -4.45 -11.05
CA ILE B 267 12.40 -3.92 -10.03
C ILE B 267 13.41 -5.00 -9.65
N ARG B 268 12.92 -6.23 -9.39
CA ARG B 268 13.77 -7.36 -9.08
C ARG B 268 14.86 -7.53 -10.14
N GLN B 269 14.44 -7.47 -11.41
CA GLN B 269 15.33 -7.75 -12.53
C GLN B 269 16.44 -6.73 -12.61
N ARG B 270 16.07 -5.44 -12.55
CA ARG B 270 17.03 -4.34 -12.62
C ARG B 270 17.99 -4.39 -11.43
N ASN B 271 17.45 -4.63 -10.23
CA ASN B 271 18.24 -4.68 -9.01
C ASN B 271 19.30 -5.77 -9.10
N ALA B 272 18.87 -6.99 -9.44
CA ALA B 272 19.75 -8.15 -9.44
C ALA B 272 20.81 -8.01 -10.54
N GLN B 273 20.41 -7.45 -11.69
CA GLN B 273 21.33 -7.26 -12.80
C GLN B 273 22.41 -6.26 -12.43
N ARG B 274 22.03 -5.19 -11.72
CA ARG B 274 22.97 -4.18 -11.28
C ARG B 274 23.97 -4.80 -10.32
N LEU B 275 23.49 -5.65 -9.41
CA LEU B 275 24.33 -6.29 -8.41
C LEU B 275 25.33 -7.22 -9.09
N ILE B 276 24.86 -8.00 -10.07
CA ILE B 276 25.73 -8.88 -10.85
C ILE B 276 26.86 -8.05 -11.46
N ASP B 277 26.50 -6.97 -12.16
CA ASP B 277 27.46 -6.12 -12.84
C ASP B 277 28.48 -5.57 -11.86
N GLU B 278 28.03 -5.19 -10.66
CA GLU B 278 28.90 -4.60 -9.65
C GLU B 278 29.81 -5.66 -9.04
N LEU B 279 29.28 -6.86 -8.77
CA LEU B 279 30.06 -7.94 -8.19
C LEU B 279 31.14 -8.40 -9.16
N ALA B 280 30.89 -8.22 -10.47
CA ALA B 280 31.83 -8.64 -11.50
C ALA B 280 33.16 -7.90 -11.37
N THR B 281 33.12 -6.66 -10.86
CA THR B 281 34.32 -5.83 -10.74
C THR B 281 35.10 -6.16 -9.46
N THR B 282 34.52 -6.97 -8.56
CA THR B 282 35.19 -7.35 -7.33
C THR B 282 36.07 -8.57 -7.60
N ARG B 283 37.10 -8.75 -6.75
CA ARG B 283 37.99 -9.90 -6.83
C ARG B 283 37.34 -11.12 -6.16
N LEU B 284 36.47 -10.86 -5.17
CA LEU B 284 36.07 -11.89 -4.22
C LEU B 284 34.73 -12.53 -4.59
N PHE B 285 33.86 -11.79 -5.29
CA PHE B 285 32.48 -12.23 -5.47
C PHE B 285 32.11 -12.26 -6.95
N THR B 286 31.23 -13.21 -7.30
CA THR B 286 30.61 -13.26 -8.62
C THR B 286 29.14 -13.61 -8.43
N GLY B 287 28.25 -12.85 -9.09
CA GLY B 287 26.82 -13.13 -9.07
C GLY B 287 26.51 -14.38 -9.88
N PRO B 288 25.24 -14.85 -9.88
CA PRO B 288 24.87 -16.07 -10.61
C PRO B 288 25.03 -15.95 -12.12
N MET B 289 25.55 -17.02 -12.74
CA MET B 289 25.64 -17.11 -14.18
C MET B 289 24.24 -17.29 -14.77
N ILE B 290 23.99 -16.58 -15.88
CA ILE B 290 22.73 -16.65 -16.59
C ILE B 290 23.02 -16.85 -18.08
N PRO B 291 22.68 -18.03 -18.66
CA PRO B 291 22.75 -18.22 -20.12
C PRO B 291 21.96 -17.15 -20.88
N ALA B 292 22.37 -16.91 -22.14
CA ALA B 292 21.82 -15.84 -22.96
C ALA B 292 20.31 -16.00 -23.11
N ALA B 293 19.85 -17.25 -23.27
CA ALA B 293 18.47 -17.53 -23.58
C ALA B 293 17.57 -17.40 -22.35
N ALA B 294 18.18 -17.33 -21.16
CA ALA B 294 17.44 -17.41 -19.89
C ALA B 294 17.19 -16.02 -19.32
N LYS B 295 16.03 -15.87 -18.67
CA LYS B 295 15.77 -14.76 -17.76
C LYS B 295 15.55 -15.31 -16.37
N HIS B 296 16.39 -14.88 -15.42
CA HIS B 296 16.36 -15.31 -14.04
C HIS B 296 15.28 -14.53 -13.30
N SER B 297 14.55 -15.21 -12.40
CA SER B 297 13.52 -14.56 -11.60
C SER B 297 14.10 -13.99 -10.31
N PHE B 298 15.22 -14.57 -9.86
CA PHE B 298 15.99 -14.07 -8.73
C PHE B 298 15.20 -14.23 -7.43
N ASN B 299 14.53 -15.39 -7.28
CA ASN B 299 13.95 -15.78 -6.02
C ASN B 299 15.05 -15.84 -4.97
N MET B 300 16.19 -16.42 -5.37
CA MET B 300 17.39 -16.41 -4.55
C MET B 300 18.58 -16.00 -5.41
N PHE B 301 19.53 -15.28 -4.79
CA PHE B 301 20.70 -14.76 -5.47
C PHE B 301 21.94 -15.43 -4.87
N ARG B 302 22.55 -16.32 -5.64
CA ARG B 302 23.66 -17.12 -5.15
C ARG B 302 24.98 -16.53 -5.63
N ILE B 303 25.89 -16.26 -4.68
CA ILE B 303 27.15 -15.61 -4.96
C ILE B 303 28.27 -16.63 -4.77
N LYS B 304 29.18 -16.69 -5.76
CA LYS B 304 30.36 -17.55 -5.69
C LYS B 304 31.49 -16.79 -5.01
N ILE B 305 32.10 -17.41 -3.99
CA ILE B 305 33.30 -16.89 -3.37
C ILE B 305 34.49 -17.38 -4.17
N ASN B 306 35.43 -16.47 -4.46
CA ASN B 306 36.70 -16.85 -5.07
C ASN B 306 37.62 -17.32 -3.94
N THR B 307 37.59 -18.64 -3.68
CA THR B 307 38.35 -19.23 -2.60
C THR B 307 39.78 -19.52 -3.05
N ALA B 308 40.09 -19.25 -4.33
CA ALA B 308 41.39 -19.58 -4.90
C ALA B 308 42.32 -18.36 -4.92
N LEU B 309 41.90 -17.26 -4.29
CA LEU B 309 42.76 -16.08 -4.17
C LEU B 309 44.01 -16.44 -3.38
N PRO B 310 45.19 -15.87 -3.71
CA PRO B 310 46.44 -16.23 -3.03
C PRO B 310 46.47 -15.94 -1.53
N GLU B 311 45.64 -14.99 -1.09
CA GLU B 311 45.52 -14.66 0.33
C GLU B 311 44.93 -15.83 1.11
N PHE B 312 44.18 -16.70 0.42
CA PHE B 312 43.44 -17.77 1.08
C PHE B 312 44.19 -19.10 0.98
N LYS B 313 45.50 -19.06 0.72
CA LYS B 313 46.28 -20.28 0.56
C LYS B 313 46.20 -21.07 1.87
N ASP B 314 45.82 -22.35 1.75
CA ASP B 314 45.78 -23.30 2.85
C ASP B 314 44.63 -23.00 3.82
N ILE B 315 43.64 -22.20 3.40
CA ILE B 315 42.45 -21.99 4.19
C ILE B 315 41.31 -22.80 3.57
N PRO B 316 40.66 -23.71 4.34
CA PRO B 316 39.50 -24.45 3.83
C PRO B 316 38.39 -23.51 3.34
N GLU B 317 37.71 -23.92 2.26
CA GLU B 317 36.70 -23.10 1.63
C GLU B 317 35.57 -22.78 2.61
N TYR B 318 35.21 -23.75 3.47
CA TYR B 318 34.05 -23.63 4.32
C TYR B 318 34.30 -22.56 5.40
N LYS B 319 35.57 -22.35 5.76
CA LYS B 319 35.94 -21.33 6.74
C LYS B 319 35.80 -19.95 6.11
N LEU B 320 36.16 -19.81 4.83
CA LEU B 320 35.98 -18.57 4.10
C LEU B 320 34.50 -18.22 4.04
N LYS B 321 33.66 -19.23 3.77
CA LYS B 321 32.23 -19.05 3.70
C LYS B 321 31.69 -18.57 5.05
N LEU B 322 32.07 -19.26 6.13
CA LEU B 322 31.59 -18.93 7.47
C LEU B 322 32.06 -17.52 7.85
N ALA B 323 33.32 -17.20 7.56
CA ALA B 323 33.89 -15.90 7.89
C ALA B 323 33.12 -14.80 7.17
N LEU B 324 32.85 -14.99 5.88
CA LEU B 324 32.17 -14.00 5.06
C LEU B 324 30.72 -13.85 5.52
N GLN B 325 30.10 -14.95 5.94
CA GLN B 325 28.74 -14.91 6.49
C GLN B 325 28.72 -14.02 7.73
N GLN B 326 29.68 -14.21 8.63
CA GLN B 326 29.77 -13.41 9.84
C GLN B 326 30.00 -11.95 9.51
N ILE B 327 30.94 -11.68 8.59
CA ILE B 327 31.36 -10.33 8.27
C ILE B 327 30.19 -9.58 7.62
N LEU B 328 29.55 -10.22 6.63
CA LEU B 328 28.44 -9.61 5.91
C LEU B 328 27.26 -9.35 6.84
N ASN B 329 26.96 -10.32 7.71
CA ASN B 329 25.84 -10.21 8.64
C ASN B 329 26.03 -9.02 9.58
N GLU B 330 27.29 -8.75 9.97
CA GLU B 330 27.60 -7.63 10.84
C GLU B 330 27.39 -6.30 10.10
N GLU B 331 27.58 -6.30 8.78
CA GLU B 331 27.38 -5.11 7.95
C GLU B 331 25.89 -4.90 7.68
N GLY B 332 25.08 -5.95 7.86
CA GLY B 332 23.63 -5.85 7.73
C GLY B 332 23.08 -6.61 6.53
N VAL B 333 23.93 -7.40 5.85
CA VAL B 333 23.51 -8.23 4.73
C VAL B 333 23.46 -9.67 5.21
N PHE B 334 22.24 -10.24 5.24
CA PHE B 334 22.01 -11.55 5.83
C PHE B 334 22.25 -12.63 4.78
N ALA B 335 23.53 -12.94 4.55
CA ALA B 335 23.92 -14.04 3.68
C ALA B 335 23.88 -15.34 4.49
N ARG B 336 22.85 -16.16 4.23
CA ARG B 336 22.71 -17.46 4.87
C ARG B 336 22.69 -18.54 3.79
N GLU B 337 22.72 -19.80 4.23
CA GLU B 337 22.58 -20.93 3.33
C GLU B 337 21.11 -21.32 3.27
N TRP B 338 20.62 -21.62 2.06
CA TRP B 338 19.26 -22.05 1.86
C TRP B 338 19.09 -23.52 2.27
N GLN B 339 20.00 -24.37 1.77
CA GLN B 339 19.91 -25.81 1.95
C GLN B 339 21.29 -26.35 2.33
N ASN B 340 21.42 -26.84 3.57
N ASN B 340 21.41 -26.85 3.56
CA ASN B 340 22.71 -27.24 4.11
CA ASN B 340 22.70 -27.25 4.13
C ASN B 340 23.03 -28.69 3.77
C ASN B 340 23.03 -28.68 3.76
N THR B 341 22.00 -29.54 3.62
CA THR B 341 22.19 -30.96 3.38
C THR B 341 21.53 -31.35 2.06
N LEU B 342 22.22 -32.18 1.27
CA LEU B 342 21.68 -32.75 0.05
C LEU B 342 20.65 -33.82 0.42
N LEU B 343 19.63 -33.95 -0.43
CA LEU B 343 18.42 -34.70 -0.09
C LEU B 343 18.70 -36.18 0.20
N PRO B 344 19.65 -36.86 -0.49
CA PRO B 344 19.99 -38.24 -0.14
C PRO B 344 20.32 -38.44 1.35
N PHE B 345 20.78 -37.37 2.01
CA PHE B 345 21.28 -37.46 3.38
C PHE B 345 20.29 -36.88 4.38
N HIS B 346 19.09 -36.47 3.92
CA HIS B 346 17.99 -36.18 4.83
C HIS B 346 17.41 -37.51 5.33
N LEU B 347 16.78 -37.46 6.51
CA LEU B 347 16.37 -38.67 7.22
C LEU B 347 15.44 -39.52 6.35
N PRO B 348 14.42 -38.95 5.68
CA PRO B 348 13.49 -39.75 4.87
C PRO B 348 14.12 -40.66 3.82
N PHE B 349 15.28 -40.25 3.29
CA PHE B 349 15.96 -41.00 2.24
C PHE B 349 17.13 -41.80 2.81
N GLN B 350 17.34 -41.71 4.13
CA GLN B 350 18.25 -42.61 4.82
C GLN B 350 17.45 -43.81 5.37
N ASN B 351 16.32 -43.53 6.04
CA ASN B 351 15.50 -44.58 6.61
C ASN B 351 14.62 -45.22 5.53
N LYS B 352 14.22 -44.42 4.54
CA LYS B 352 13.45 -44.89 3.40
C LYS B 352 12.16 -45.58 3.84
N LYS B 353 11.47 -45.00 4.83
CA LYS B 353 10.22 -45.55 5.32
C LYS B 353 9.12 -45.40 4.28
N GLY B 354 8.98 -44.19 3.74
CA GLY B 354 7.97 -43.90 2.72
C GLY B 354 6.56 -44.00 3.27
N PHE B 355 5.72 -44.79 2.60
CA PHE B 355 4.34 -45.04 3.03
C PHE B 355 4.32 -46.01 4.22
N GLY B 356 5.47 -46.65 4.47
CA GLY B 356 5.59 -47.66 5.51
C GLY B 356 6.27 -48.91 4.96
N LYS B 357 7.23 -49.44 5.74
CA LYS B 357 7.90 -50.69 5.46
C LYS B 357 8.77 -50.59 4.20
N GLY B 358 9.14 -49.36 3.82
CA GLY B 358 10.08 -49.14 2.73
C GLY B 358 9.39 -49.01 1.37
N TYR B 359 8.05 -48.97 1.37
CA TYR B 359 7.31 -48.73 0.14
C TYR B 359 7.38 -47.25 -0.20
N PRO B 360 7.72 -46.84 -1.45
CA PRO B 360 7.91 -47.74 -2.58
C PRO B 360 9.35 -48.02 -2.98
N PHE B 361 10.29 -47.81 -2.05
CA PHE B 361 11.71 -47.92 -2.34
C PHE B 361 12.09 -49.37 -2.65
N PHE B 362 11.36 -50.33 -2.06
CA PHE B 362 11.70 -51.73 -2.19
C PHE B 362 11.20 -52.29 -3.52
N LEU B 363 10.51 -51.47 -4.32
CA LEU B 363 10.03 -51.89 -5.64
C LEU B 363 11.20 -51.97 -6.62
N GLY B 364 12.32 -51.30 -6.31
CA GLY B 364 13.49 -51.30 -7.18
C GLY B 364 14.76 -51.53 -6.39
N ASP B 365 15.87 -51.76 -7.12
CA ASP B 365 17.18 -51.98 -6.52
C ASP B 365 17.57 -50.74 -5.72
N SER B 366 18.05 -50.96 -4.48
CA SER B 366 18.46 -49.89 -3.60
C SER B 366 19.77 -49.27 -4.10
N GLN B 367 20.08 -48.08 -3.58
CA GLN B 367 21.34 -47.40 -3.87
C GLN B 367 21.89 -46.80 -2.59
N GLU B 368 23.14 -47.15 -2.27
CA GLU B 368 23.88 -46.51 -1.19
C GLU B 368 24.47 -45.22 -1.73
N TYR B 369 23.92 -44.09 -1.28
CA TYR B 369 24.40 -42.78 -1.72
C TYR B 369 25.56 -42.34 -0.84
N LYS B 370 26.59 -41.78 -1.50
CA LYS B 370 27.81 -41.34 -0.84
C LYS B 370 28.11 -39.90 -1.28
N HIS B 371 28.84 -39.17 -0.43
CA HIS B 371 29.17 -37.78 -0.67
C HIS B 371 30.02 -37.63 -1.93
N GLU B 372 30.76 -38.69 -2.28
CA GLU B 372 31.65 -38.69 -3.44
C GLU B 372 30.85 -38.58 -4.74
N HIS B 373 29.55 -38.91 -4.69
CA HIS B 373 28.72 -38.94 -5.89
C HIS B 373 28.23 -37.54 -6.28
N PHE B 374 28.38 -36.55 -5.39
CA PHE B 374 27.85 -35.22 -5.63
C PHE B 374 28.91 -34.15 -5.36
N PRO B 375 30.06 -34.17 -6.08
CA PRO B 375 31.13 -33.19 -5.85
C PRO B 375 30.73 -31.74 -6.12
N ASN B 376 30.02 -31.51 -7.23
CA ASN B 376 29.66 -30.16 -7.66
C ASN B 376 28.69 -29.54 -6.65
N ALA B 377 27.72 -30.34 -6.18
CA ALA B 377 26.74 -29.89 -5.20
C ALA B 377 27.44 -29.52 -3.89
N LEU B 378 28.35 -30.40 -3.43
CA LEU B 378 29.07 -30.17 -2.19
C LEU B 378 30.02 -28.98 -2.33
N GLN B 379 30.64 -28.85 -3.50
N GLN B 379 30.64 -28.85 -3.50
CA GLN B 379 31.53 -27.74 -3.79
CA GLN B 379 31.53 -27.73 -3.78
C GLN B 379 30.76 -26.42 -3.70
C GLN B 379 30.76 -26.41 -3.70
N MET B 380 29.52 -26.42 -4.21
CA MET B 380 28.65 -25.26 -4.15
C MET B 380 28.43 -24.87 -2.68
N LEU B 381 28.07 -25.86 -1.85
CA LEU B 381 27.62 -25.61 -0.48
C LEU B 381 28.71 -24.96 0.36
N ARG B 382 29.99 -25.20 0.04
CA ARG B 382 31.07 -24.75 0.89
C ARG B 382 31.81 -23.55 0.28
N SER B 383 31.36 -23.05 -0.88
CA SER B 383 32.06 -21.98 -1.57
C SER B 383 31.11 -20.91 -2.08
N THR B 384 29.92 -20.79 -1.48
CA THR B 384 28.88 -19.93 -2.03
C THR B 384 28.07 -19.29 -0.91
N LEU B 385 27.50 -18.11 -1.21
CA LEU B 385 26.63 -17.38 -0.29
C LEU B 385 25.30 -17.12 -1.00
N VAL B 386 24.22 -16.99 -0.20
CA VAL B 386 22.88 -16.85 -0.76
C VAL B 386 22.18 -15.67 -0.11
N LEU B 387 21.65 -14.76 -0.94
CA LEU B 387 20.70 -13.75 -0.51
C LEU B 387 19.31 -14.18 -0.94
N CYS B 388 18.35 -14.16 0.00
CA CYS B 388 16.99 -14.61 -0.28
C CYS B 388 16.04 -13.42 -0.29
N ARG B 389 15.68 -12.93 0.90
CA ARG B 389 14.62 -11.95 1.06
C ARG B 389 15.10 -10.58 0.58
N GLU B 390 16.44 -10.38 0.60
CA GLU B 390 17.05 -9.13 0.19
C GLU B 390 16.63 -8.73 -1.23
N LEU B 391 16.70 -9.69 -2.17
CA LEU B 391 16.53 -9.40 -3.58
C LEU B 391 15.23 -9.99 -4.12
N ARG B 392 14.54 -10.81 -3.31
CA ARG B 392 13.20 -11.24 -3.63
C ARG B 392 12.26 -10.04 -3.45
N SER B 393 12.46 -9.30 -2.36
CA SER B 393 11.79 -8.04 -2.15
C SER B 393 12.27 -7.02 -3.19
N PRO B 394 11.36 -6.29 -3.87
CA PRO B 394 11.76 -5.28 -4.85
C PRO B 394 12.20 -4.01 -4.13
N VAL B 395 13.42 -4.03 -3.60
CA VAL B 395 13.89 -3.02 -2.67
C VAL B 395 14.14 -1.71 -3.41
N GLU B 396 14.19 -0.62 -2.64
CA GLU B 396 14.45 0.71 -3.17
C GLU B 396 15.94 0.86 -3.47
N TYR B 397 16.27 1.89 -4.24
CA TYR B 397 17.61 2.15 -4.73
C TYR B 397 18.62 2.23 -3.59
N GLU B 398 18.26 2.94 -2.52
CA GLU B 398 19.14 3.16 -1.38
C GLU B 398 19.56 1.82 -0.76
N LYS B 399 18.62 0.87 -0.72
CA LYS B 399 18.87 -0.44 -0.15
C LYS B 399 19.77 -1.26 -1.08
N LEU B 400 19.46 -1.21 -2.39
CA LEU B 400 20.25 -1.92 -3.39
C LEU B 400 21.71 -1.46 -3.34
N HIS B 401 21.91 -0.14 -3.28
N HIS B 401 21.92 -0.14 -3.29
CA HIS B 401 23.25 0.43 -3.27
CA HIS B 401 23.25 0.43 -3.27
C HIS B 401 23.94 0.11 -1.95
C HIS B 401 23.94 0.11 -1.94
N SER B 402 23.16 -0.01 -0.87
CA SER B 402 23.69 -0.44 0.43
C SER B 402 24.31 -1.83 0.32
N TYR B 403 23.66 -2.72 -0.46
CA TYR B 403 24.21 -4.05 -0.71
C TYR B 403 25.52 -3.92 -1.47
N ILE B 404 25.51 -3.10 -2.53
CA ILE B 404 26.68 -2.91 -3.38
C ILE B 404 27.86 -2.43 -2.54
N ILE B 405 27.63 -1.40 -1.70
CA ILE B 405 28.66 -0.85 -0.85
C ILE B 405 29.21 -1.92 0.08
N THR B 406 28.32 -2.77 0.62
CA THR B 406 28.73 -3.81 1.56
C THR B 406 29.74 -4.74 0.89
N PHE B 407 29.41 -5.26 -0.29
CA PHE B 407 30.26 -6.23 -0.97
C PHE B 407 31.57 -5.59 -1.38
N LYS B 408 31.54 -4.32 -1.81
CA LYS B 408 32.75 -3.61 -2.20
C LYS B 408 33.63 -3.35 -0.99
N LYS B 409 32.99 -3.08 0.16
CA LYS B 409 33.71 -2.86 1.41
C LYS B 409 34.48 -4.12 1.80
N VAL B 410 33.80 -5.28 1.73
CA VAL B 410 34.39 -6.55 2.12
C VAL B 410 35.51 -6.90 1.14
N ASP B 411 35.35 -6.52 -0.13
CA ASP B 411 36.31 -6.81 -1.17
C ASP B 411 37.62 -6.06 -0.94
N LYS B 412 37.53 -4.91 -0.26
CA LYS B 412 38.71 -4.13 0.10
C LYS B 412 39.45 -4.77 1.28
N ASN B 413 38.84 -5.76 1.93
CA ASN B 413 39.36 -6.30 3.18
C ASN B 413 39.61 -7.82 3.05
N ILE B 414 40.13 -8.23 1.89
CA ILE B 414 40.36 -9.64 1.60
C ILE B 414 41.38 -10.21 2.58
N GLN B 415 42.43 -9.43 2.88
CA GLN B 415 43.46 -9.87 3.81
C GLN B 415 42.84 -10.13 5.18
N ARG B 416 41.90 -9.26 5.57
CA ARG B 416 41.26 -9.34 6.87
C ARG B 416 40.26 -10.49 6.90
N VAL B 417 39.63 -10.78 5.74
CA VAL B 417 38.75 -11.93 5.60
C VAL B 417 39.57 -13.20 5.83
N ALA B 418 40.77 -13.25 5.24
CA ALA B 418 41.65 -14.41 5.34
C ALA B 418 42.03 -14.68 6.79
N GLU B 419 42.32 -13.60 7.54
CA GLU B 419 42.74 -13.72 8.92
C GLU B 419 41.60 -14.25 9.78
N ILE B 420 40.38 -13.71 9.57
CA ILE B 420 39.22 -14.11 10.33
C ILE B 420 38.89 -15.57 10.02
N ALA B 421 38.94 -15.93 8.74
CA ALA B 421 38.69 -17.29 8.29
C ALA B 421 39.68 -18.27 8.92
N SER B 422 40.95 -17.84 9.03
CA SER B 422 42.00 -18.69 9.58
C SER B 422 41.69 -19.11 11.03
N GLN B 423 41.08 -18.20 11.79
CA GLN B 423 40.94 -18.37 13.24
C GLN B 423 39.63 -19.08 13.60
N ILE B 424 38.83 -19.46 12.60
CA ILE B 424 37.64 -20.27 12.85
C ILE B 424 38.09 -21.69 13.14
N ASP B 425 37.47 -22.30 14.17
CA ASP B 425 37.85 -23.62 14.65
C ASP B 425 37.49 -24.67 13.60
N ASP B 426 38.26 -25.77 13.58
CA ASP B 426 37.99 -26.88 12.68
C ASP B 426 36.63 -27.48 13.03
N VAL B 427 35.82 -27.73 11.99
CA VAL B 427 34.51 -28.34 12.14
C VAL B 427 34.54 -29.70 11.43
N PRO B 428 34.46 -30.83 12.18
CA PRO B 428 34.63 -32.15 11.57
C PRO B 428 33.49 -32.56 10.64
N GLU C 12 -24.22 -6.87 7.28
CA GLU C 12 -24.85 -6.28 6.06
C GLU C 12 -24.35 -4.85 5.87
N GLN C 13 -24.72 -3.96 6.79
CA GLN C 13 -24.49 -2.53 6.64
C GLN C 13 -22.99 -2.22 6.73
N LEU C 14 -22.35 -2.75 7.77
CA LEU C 14 -20.93 -2.49 8.02
C LEU C 14 -20.08 -2.96 6.85
N PHE C 15 -20.46 -4.10 6.24
CA PHE C 15 -19.73 -4.64 5.11
C PHE C 15 -19.87 -3.73 3.89
N GLN C 16 -21.09 -3.25 3.64
CA GLN C 16 -21.39 -2.45 2.46
C GLN C 16 -20.69 -1.09 2.56
N VAL C 17 -20.66 -0.51 3.76
CA VAL C 17 -19.96 0.74 4.00
C VAL C 17 -18.46 0.51 3.80
N SER C 18 -17.95 -0.59 4.39
CA SER C 18 -16.54 -0.93 4.29
C SER C 18 -16.14 -1.15 2.84
N PHE C 19 -17.04 -1.77 2.05
CA PHE C 19 -16.75 -2.10 0.67
C PHE C 19 -16.59 -0.82 -0.14
N VAL C 20 -17.55 0.11 0.00
CA VAL C 20 -17.53 1.35 -0.75
C VAL C 20 -16.24 2.12 -0.44
N LEU C 21 -15.94 2.27 0.86
CA LEU C 21 -14.77 3.00 1.29
C LEU C 21 -13.51 2.34 0.75
N ALA C 22 -13.46 1.01 0.82
CA ALA C 22 -12.34 0.25 0.29
C ALA C 22 -12.22 0.47 -1.22
N ARG C 23 -13.37 0.49 -1.92
CA ARG C 23 -13.39 0.65 -3.37
C ARG C 23 -12.83 2.01 -3.76
N VAL C 24 -13.30 3.09 -3.11
CA VAL C 24 -12.93 4.44 -3.49
C VAL C 24 -11.47 4.67 -3.11
N LEU C 25 -11.07 4.21 -1.91
CA LEU C 25 -9.69 4.32 -1.46
C LEU C 25 -8.76 3.62 -2.45
N THR C 26 -9.18 2.46 -2.95
CA THR C 26 -8.37 1.69 -3.88
C THR C 26 -8.20 2.48 -5.19
N SER C 27 -9.25 3.17 -5.63
CA SER C 27 -9.19 3.98 -6.84
C SER C 27 -8.21 5.12 -6.67
N GLY C 28 -8.07 5.62 -5.44
CA GLY C 28 -7.12 6.67 -5.11
C GLY C 28 -7.68 8.07 -5.38
N ILE C 29 -8.95 8.14 -5.81
CA ILE C 29 -9.58 9.40 -6.17
C ILE C 29 -10.47 9.83 -5.01
N ILE C 30 -9.90 10.60 -4.07
CA ILE C 30 -10.62 10.95 -2.85
C ILE C 30 -10.70 12.46 -2.66
N MET C 31 -10.21 13.25 -3.62
CA MET C 31 -10.35 14.70 -3.56
C MET C 31 -11.59 15.13 -4.35
N SER C 32 -12.34 16.08 -3.79
CA SER C 32 -13.52 16.61 -4.42
C SER C 32 -13.17 17.31 -5.74
N ILE C 33 -11.94 17.84 -5.82
CA ILE C 33 -11.53 18.69 -6.92
C ILE C 33 -10.65 17.93 -7.92
N GLU C 34 -10.52 16.61 -7.75
CA GLU C 34 -9.74 15.80 -8.67
C GLU C 34 -10.49 15.60 -9.98
N LYS C 35 -9.74 15.45 -11.07
CA LYS C 35 -10.29 14.95 -12.32
C LYS C 35 -10.64 13.48 -12.12
N ASN C 36 -11.71 13.04 -12.79
CA ASN C 36 -12.14 11.64 -12.78
C ASN C 36 -12.82 11.30 -11.45
N GLU C 37 -13.14 12.31 -10.65
CA GLU C 37 -13.97 12.12 -9.47
C GLU C 37 -15.42 12.00 -9.94
N ASN C 38 -16.03 10.84 -9.70
CA ASN C 38 -17.34 10.53 -10.27
C ASN C 38 -18.37 10.16 -9.21
N GLU C 39 -17.98 10.09 -7.93
CA GLU C 39 -18.88 9.68 -6.87
C GLU C 39 -19.97 10.74 -6.65
N LEU C 40 -19.56 12.01 -6.57
CA LEU C 40 -20.48 13.09 -6.27
C LEU C 40 -21.47 13.28 -7.43
N LYS C 41 -20.95 13.21 -8.66
CA LYS C 41 -21.77 13.28 -9.86
C LYS C 41 -22.88 12.23 -9.80
N GLY C 42 -22.51 11.00 -9.40
CA GLY C 42 -23.46 9.91 -9.29
C GLY C 42 -24.53 10.17 -8.23
N LEU C 43 -24.11 10.70 -7.08
CA LEU C 43 -25.03 11.07 -6.01
C LEU C 43 -26.06 12.08 -6.53
N GLU C 44 -25.58 13.10 -7.23
CA GLU C 44 -26.43 14.14 -7.78
C GLU C 44 -27.45 13.56 -8.74
N ASN C 45 -27.00 12.67 -9.63
CA ASN C 45 -27.83 12.13 -10.70
C ASN C 45 -29.00 11.34 -10.12
N ILE C 46 -28.73 10.50 -9.12
CA ILE C 46 -29.76 9.70 -8.48
C ILE C 46 -30.82 10.62 -7.87
N LEU C 47 -30.37 11.70 -7.23
CA LEU C 47 -31.28 12.59 -6.51
C LEU C 47 -32.06 13.46 -7.48
N LYS C 48 -31.44 13.82 -8.61
CA LYS C 48 -32.14 14.53 -9.68
C LYS C 48 -33.21 13.62 -10.29
N LYS C 49 -32.86 12.35 -10.49
CA LYS C 49 -33.78 11.37 -11.07
C LYS C 49 -34.97 11.17 -10.13
N THR C 50 -34.69 11.05 -8.83
CA THR C 50 -35.70 10.76 -7.83
C THR C 50 -36.67 11.94 -7.71
N SER C 51 -36.11 13.17 -7.72
CA SER C 51 -36.87 14.38 -7.42
C SER C 51 -37.47 14.99 -8.69
N SER C 52 -36.89 14.67 -9.85
CA SER C 52 -37.25 15.26 -11.13
C SER C 52 -36.84 16.73 -11.19
N LYS C 53 -35.82 17.11 -10.40
CA LYS C 53 -35.25 18.44 -10.44
C LYS C 53 -34.06 18.45 -11.40
N GLN C 54 -33.80 19.60 -12.01
CA GLN C 54 -32.81 19.72 -13.07
C GLN C 54 -31.41 19.90 -12.51
N TYR C 55 -31.30 20.52 -11.33
CA TYR C 55 -30.01 20.91 -10.78
C TYR C 55 -29.85 20.36 -9.37
N ALA C 56 -28.63 19.91 -9.06
CA ALA C 56 -28.26 19.46 -7.74
C ALA C 56 -26.93 20.12 -7.34
N VAL C 57 -26.79 20.43 -6.05
CA VAL C 57 -25.54 20.93 -5.50
C VAL C 57 -25.31 20.23 -4.17
N THR C 58 -24.12 19.64 -3.99
CA THR C 58 -23.79 18.89 -2.79
C THR C 58 -22.98 19.81 -1.86
N PHE C 59 -23.14 19.58 -0.55
CA PHE C 59 -22.47 20.36 0.47
C PHE C 59 -21.99 19.43 1.58
N ASN C 60 -20.97 19.88 2.33
CA ASN C 60 -20.46 19.14 3.47
C ASN C 60 -21.16 19.59 4.75
N SER C 61 -22.26 20.35 4.59
CA SER C 61 -23.00 20.89 5.72
C SER C 61 -24.38 21.35 5.26
N ILE C 62 -25.38 21.19 6.13
CA ILE C 62 -26.72 21.70 5.89
C ILE C 62 -26.67 23.23 5.77
N SER C 63 -25.75 23.85 6.53
CA SER C 63 -25.55 25.29 6.49
C SER C 63 -25.30 25.77 5.07
N GLY C 64 -24.51 25.01 4.31
CA GLY C 64 -24.17 25.36 2.95
C GLY C 64 -25.38 25.39 2.02
N ALA C 65 -26.24 24.36 2.15
CA ALA C 65 -27.44 24.25 1.35
C ALA C 65 -28.41 25.39 1.67
N VAL C 66 -28.46 25.76 2.96
CA VAL C 66 -29.31 26.86 3.41
C VAL C 66 -28.81 28.16 2.78
N ILE C 67 -27.51 28.42 2.89
CA ILE C 67 -26.93 29.67 2.38
C ILE C 67 -27.13 29.74 0.87
N GLY C 68 -26.92 28.62 0.18
CA GLY C 68 -27.09 28.54 -1.27
C GLY C 68 -28.52 28.86 -1.70
N SER C 69 -29.50 28.30 -0.98
CA SER C 69 -30.90 28.52 -1.27
C SER C 69 -31.25 30.00 -1.09
N LEU C 70 -30.70 30.62 -0.05
CA LEU C 70 -31.01 32.01 0.28
C LEU C 70 -30.36 32.96 -0.72
N TRP C 71 -29.02 32.90 -0.80
CA TRP C 71 -28.25 33.78 -1.68
C TRP C 71 -28.64 33.58 -3.14
N GLY C 72 -29.04 32.35 -3.49
CA GLY C 72 -29.47 32.03 -4.84
C GLY C 72 -30.73 32.80 -5.26
N GLN C 73 -31.51 33.25 -4.27
CA GLN C 73 -32.73 34.01 -4.51
C GLN C 73 -32.54 35.47 -4.11
N ASP C 74 -31.28 35.89 -3.97
CA ASP C 74 -30.92 37.25 -3.55
C ASP C 74 -31.49 37.57 -2.18
N ILE C 75 -31.65 36.55 -1.33
CA ILE C 75 -31.96 36.77 0.08
C ILE C 75 -30.63 36.85 0.83
N VAL C 76 -30.04 38.05 0.82
CA VAL C 76 -28.70 38.28 1.35
C VAL C 76 -28.81 39.19 2.56
N TYR C 77 -27.66 39.66 3.07
CA TYR C 77 -27.62 40.56 4.21
C TYR C 77 -28.58 41.74 3.97
N GLY C 78 -29.44 42.00 4.96
CA GLY C 78 -30.33 43.15 4.93
C GLY C 78 -31.70 42.81 4.34
N GLU C 79 -31.83 41.61 3.76
CA GLU C 79 -33.08 41.15 3.19
C GLU C 79 -33.87 40.40 4.25
N ALA C 80 -35.10 39.98 3.89
CA ALA C 80 -35.97 39.23 4.78
C ALA C 80 -36.61 38.07 4.02
N THR C 81 -37.17 37.14 4.79
CA THR C 81 -37.85 35.97 4.24
C THR C 81 -38.74 35.39 5.33
N ASN C 82 -39.52 34.36 4.98
CA ASN C 82 -40.43 33.74 5.93
C ASN C 82 -39.69 32.64 6.69
N GLN C 83 -39.54 32.83 8.00
CA GLN C 83 -38.79 31.92 8.87
C GLN C 83 -39.74 31.12 9.76
N GLN C 84 -41.00 30.96 9.34
CA GLN C 84 -42.01 30.26 10.12
C GLN C 84 -41.56 28.84 10.47
N SER C 85 -40.95 28.14 9.49
CA SER C 85 -40.74 26.71 9.58
C SER C 85 -39.33 26.36 10.07
N LEU C 86 -38.51 27.36 10.39
CA LEU C 86 -37.13 27.13 10.78
C LEU C 86 -37.08 26.58 12.20
N ASP C 87 -36.18 25.61 12.43
CA ASP C 87 -35.83 25.18 13.77
C ASP C 87 -34.85 26.21 14.36
N GLU C 88 -34.44 25.98 15.60
CA GLU C 88 -33.63 26.94 16.34
C GLU C 88 -32.30 27.18 15.62
N GLN C 89 -31.73 26.11 15.04
CA GLN C 89 -30.41 26.19 14.44
C GLN C 89 -30.43 27.09 13.21
N GLN C 90 -31.39 26.87 12.31
CA GLN C 90 -31.46 27.64 11.08
C GLN C 90 -31.85 29.09 11.39
N GLU C 91 -32.70 29.28 12.41
CA GLU C 91 -33.10 30.60 12.86
C GLU C 91 -31.85 31.40 13.23
N LYS C 92 -30.90 30.74 13.90
CA LYS C 92 -29.64 31.36 14.26
C LYS C 92 -28.81 31.66 13.01
N LEU C 93 -28.80 30.73 12.06
CA LEU C 93 -28.00 30.88 10.84
C LEU C 93 -28.49 32.08 10.03
N PHE C 94 -29.82 32.22 9.91
CA PHE C 94 -30.42 33.32 9.17
C PHE C 94 -30.01 34.64 9.83
N LYS C 95 -29.96 34.66 11.16
CA LYS C 95 -29.58 35.85 11.91
C LYS C 95 -28.11 36.18 11.64
N TRP C 96 -27.26 35.15 11.63
CA TRP C 96 -25.83 35.34 11.36
C TRP C 96 -25.63 35.95 9.97
N LEU C 97 -26.46 35.52 9.01
CA LEU C 97 -26.40 36.01 7.63
C LEU C 97 -26.96 37.43 7.53
N GLY C 98 -27.70 37.87 8.56
CA GLY C 98 -28.28 39.20 8.59
C GLY C 98 -29.60 39.25 7.83
N ILE C 99 -30.39 38.18 7.96
CA ILE C 99 -31.64 38.01 7.23
C ILE C 99 -32.80 38.03 8.22
N GLY C 100 -33.78 38.91 7.95
CA GLY C 100 -34.89 39.13 8.86
C GLY C 100 -36.09 38.25 8.53
N HIS C 101 -37.17 38.43 9.29
CA HIS C 101 -38.37 37.61 9.17
C HIS C 101 -39.56 38.48 8.77
N SER C 102 -40.42 37.92 7.90
CA SER C 102 -41.73 38.49 7.59
C SER C 102 -42.70 37.37 7.25
N SER C 103 -43.87 37.37 7.91
CA SER C 103 -44.89 36.36 7.69
C SER C 103 -45.58 36.57 6.34
N LEU C 104 -45.38 37.75 5.73
CA LEU C 104 -46.04 38.11 4.49
C LEU C 104 -45.24 37.63 3.28
N LEU C 105 -44.00 37.18 3.52
CA LEU C 105 -43.13 36.73 2.44
C LEU C 105 -43.26 35.22 2.27
N PRO C 106 -42.83 34.64 1.12
CA PRO C 106 -42.80 33.20 0.93
C PRO C 106 -41.68 32.55 1.74
N GLU C 107 -41.77 31.24 1.95
CA GLU C 107 -40.70 30.48 2.56
C GLU C 107 -39.55 30.35 1.55
N PRO C 108 -38.29 30.30 2.00
CA PRO C 108 -37.14 30.19 1.09
C PRO C 108 -36.95 28.81 0.48
N TYR C 109 -37.35 27.77 1.22
CA TYR C 109 -37.12 26.39 0.79
C TYR C 109 -37.96 25.43 1.62
N THR C 110 -37.97 24.16 1.20
CA THR C 110 -38.48 23.06 2.00
C THR C 110 -37.32 22.15 2.36
N LEU C 111 -37.19 21.82 3.65
CA LEU C 111 -36.09 21.01 4.14
C LEU C 111 -36.63 19.65 4.61
N HIS C 112 -35.95 18.57 4.19
CA HIS C 112 -36.26 17.23 4.66
C HIS C 112 -35.00 16.61 5.26
N ALA C 113 -35.09 16.20 6.52
CA ALA C 113 -34.04 15.42 7.16
C ALA C 113 -34.19 13.96 6.75
N ILE C 114 -33.16 13.42 6.10
CA ILE C 114 -33.15 12.03 5.65
C ILE C 114 -32.36 11.21 6.67
N ASN C 115 -32.95 10.07 7.08
CA ASN C 115 -32.34 9.14 8.01
C ASN C 115 -32.62 7.72 7.51
N TRP C 116 -32.25 6.71 8.32
CA TRP C 116 -32.42 5.32 7.94
C TRP C 116 -33.89 4.91 8.02
N GLY C 117 -34.70 5.68 8.76
CA GLY C 117 -36.12 5.41 8.89
C GLY C 117 -36.90 5.72 7.61
N ASN C 118 -36.50 6.79 6.91
CA ASN C 118 -37.28 7.31 5.79
C ASN C 118 -36.47 7.29 4.49
N ILE C 119 -35.29 6.67 4.50
CA ILE C 119 -34.41 6.63 3.33
C ILE C 119 -35.14 5.98 2.15
N SER C 120 -35.94 4.94 2.44
CA SER C 120 -36.59 4.15 1.41
C SER C 120 -37.70 4.95 0.71
N ASN C 121 -38.30 5.90 1.42
CA ASN C 121 -39.42 6.67 0.89
C ASN C 121 -38.95 8.01 0.36
N LEU C 122 -37.81 8.02 -0.36
CA LEU C 122 -37.20 9.26 -0.82
C LEU C 122 -37.93 9.77 -2.06
N GLN C 123 -38.52 8.86 -2.84
CA GLN C 123 -39.30 9.20 -4.02
C GLN C 123 -40.42 10.18 -3.64
N LYS C 124 -41.23 9.79 -2.67
CA LYS C 124 -42.42 10.55 -2.29
C LYS C 124 -42.01 11.87 -1.62
N ILE C 125 -40.93 11.84 -0.83
CA ILE C 125 -40.49 12.99 -0.05
C ILE C 125 -40.05 14.11 -0.99
N THR C 126 -39.23 13.77 -1.98
CA THR C 126 -38.53 14.77 -2.78
C THR C 126 -39.36 15.18 -4.00
N HIS C 127 -40.36 14.36 -4.36
CA HIS C 127 -41.27 14.70 -5.45
C HIS C 127 -42.36 15.62 -4.89
N GLU C 128 -42.12 16.94 -4.99
CA GLU C 128 -42.98 17.93 -4.37
C GLU C 128 -42.94 19.21 -5.20
N GLU C 129 -43.85 20.15 -4.86
CA GLU C 129 -44.02 21.38 -5.61
C GLU C 129 -42.95 22.40 -5.25
N ALA C 130 -42.26 22.18 -4.11
CA ALA C 130 -41.24 23.09 -3.62
C ALA C 130 -40.25 23.42 -4.73
N HIS C 131 -39.93 24.71 -4.88
CA HIS C 131 -39.04 25.18 -5.94
C HIS C 131 -37.58 25.03 -5.49
N VAL C 132 -37.37 24.86 -4.18
CA VAL C 132 -36.06 24.53 -3.64
C VAL C 132 -36.24 23.46 -2.57
N THR C 133 -35.59 22.31 -2.76
CA THR C 133 -35.62 21.21 -1.80
C THR C 133 -34.21 21.04 -1.22
N LEU C 134 -34.11 21.11 0.11
CA LEU C 134 -32.87 20.84 0.82
C LEU C 134 -32.98 19.49 1.50
N LEU C 135 -32.11 18.55 1.13
CA LEU C 135 -32.04 17.24 1.75
C LEU C 135 -30.84 17.20 2.69
N ASP C 136 -31.08 16.88 3.96
CA ASP C 136 -30.03 16.74 4.95
C ASP C 136 -29.77 15.26 5.18
N PHE C 137 -28.52 14.82 4.95
CA PHE C 137 -28.15 13.43 5.05
C PHE C 137 -27.24 13.18 6.27
N THR C 138 -27.16 14.16 7.16
CA THR C 138 -26.22 14.10 8.28
C THR C 138 -26.55 12.94 9.21
N LYS C 139 -27.85 12.65 9.39
CA LYS C 139 -28.28 11.63 10.34
C LYS C 139 -28.03 10.22 9.81
N LEU C 140 -27.62 10.09 8.55
CA LEU C 140 -27.24 8.79 8.01
C LEU C 140 -25.95 8.31 8.67
N GLY C 141 -25.14 9.26 9.17
CA GLY C 141 -23.99 8.93 10.01
C GLY C 141 -22.73 8.66 9.19
N PHE C 142 -22.60 9.33 8.04
CA PHE C 142 -21.39 9.29 7.24
C PHE C 142 -20.65 10.62 7.36
N GLY C 143 -21.19 11.55 8.15
CA GLY C 143 -20.66 12.89 8.28
C GLY C 143 -21.65 13.92 7.76
N PRO C 144 -21.51 15.21 8.13
CA PRO C 144 -22.41 16.26 7.65
C PRO C 144 -22.48 16.30 6.13
N CYS C 145 -23.70 16.26 5.60
CA CYS C 145 -23.92 16.29 4.15
C CYS C 145 -25.33 16.79 3.86
N ALA C 146 -25.43 17.66 2.84
CA ALA C 146 -26.73 18.14 2.38
C ALA C 146 -26.69 18.34 0.86
N VAL C 147 -27.86 18.25 0.23
CA VAL C 147 -27.99 18.45 -1.20
C VAL C 147 -29.16 19.39 -1.47
N LEU C 148 -28.90 20.41 -2.30
CA LEU C 148 -29.92 21.33 -2.77
C LEU C 148 -30.42 20.86 -4.14
N LEU C 149 -31.74 20.78 -4.30
CA LEU C 149 -32.36 20.39 -5.55
C LEU C 149 -33.32 21.50 -6.00
N THR C 150 -33.19 21.91 -7.26
CA THR C 150 -34.01 22.99 -7.81
C THR C 150 -34.03 22.91 -9.34
N ASN C 151 -35.09 23.47 -9.93
CA ASN C 151 -35.14 23.72 -11.37
C ASN C 151 -34.57 25.11 -11.67
N ASN C 152 -34.32 25.90 -10.62
CA ASN C 152 -33.85 27.26 -10.77
C ASN C 152 -32.34 27.23 -11.07
N GLU C 153 -32.00 27.56 -12.32
CA GLU C 153 -30.62 27.56 -12.77
C GLU C 153 -29.80 28.59 -11.99
N THR C 154 -30.43 29.71 -11.62
CA THR C 154 -29.71 30.81 -10.99
C THR C 154 -29.32 30.43 -9.55
N ILE C 155 -30.18 29.67 -8.87
CA ILE C 155 -29.88 29.17 -7.54
C ILE C 155 -28.72 28.18 -7.63
N TYR C 156 -28.76 27.31 -8.65
CA TYR C 156 -27.71 26.34 -8.88
C TYR C 156 -26.37 27.04 -9.04
N LYS C 157 -26.32 28.03 -9.94
CA LYS C 157 -25.07 28.70 -10.30
C LYS C 157 -24.50 29.44 -9.10
N LYS C 158 -25.36 30.14 -8.34
CA LYS C 158 -24.91 30.92 -7.20
C LYS C 158 -24.51 30.01 -6.04
N SER C 159 -25.17 28.85 -5.94
CA SER C 159 -24.86 27.87 -4.91
C SER C 159 -23.48 27.25 -5.16
N GLU C 160 -23.15 27.04 -6.43
CA GLU C 160 -21.84 26.51 -6.80
C GLU C 160 -20.77 27.60 -6.59
N ARG C 161 -21.13 28.85 -6.86
CA ARG C 161 -20.18 29.95 -6.86
C ARG C 161 -19.70 30.26 -5.44
N LEU C 162 -20.59 30.08 -4.45
CA LEU C 162 -20.26 30.40 -3.07
C LEU C 162 -19.30 29.36 -2.49
N LYS C 163 -19.20 28.19 -3.15
CA LYS C 163 -18.22 27.19 -2.77
C LYS C 163 -16.86 27.53 -3.40
N ILE C 164 -15.82 27.61 -2.56
CA ILE C 164 -14.46 27.72 -3.04
C ILE C 164 -14.15 26.43 -3.80
N PHE C 165 -13.59 26.58 -5.00
CA PHE C 165 -13.39 25.46 -5.92
C PHE C 165 -14.74 24.78 -6.18
N GLY C 166 -15.76 25.59 -6.45
CA GLY C 166 -17.04 25.10 -6.92
C GLY C 166 -16.95 24.64 -8.37
N ALA C 167 -18.11 24.35 -8.98
CA ALA C 167 -18.17 23.80 -10.33
C ALA C 167 -17.45 24.71 -11.32
N PHE C 168 -17.65 26.04 -11.18
CA PHE C 168 -17.18 27.00 -12.17
C PHE C 168 -15.69 27.29 -11.96
N ASP C 169 -15.20 27.17 -10.72
CA ASP C 169 -13.79 27.28 -10.44
C ASP C 169 -13.05 26.07 -11.00
N LEU C 170 -13.68 24.89 -10.92
CA LEU C 170 -13.11 23.66 -11.44
C LEU C 170 -13.05 23.71 -12.96
N ARG C 171 -14.16 24.12 -13.58
CA ARG C 171 -14.25 24.25 -15.03
C ARG C 171 -13.17 25.22 -15.52
N THR C 172 -13.02 26.35 -14.81
CA THR C 172 -12.07 27.39 -15.18
C THR C 172 -10.63 26.89 -15.00
N MET C 173 -10.41 26.07 -13.96
CA MET C 173 -9.07 25.59 -13.62
C MET C 173 -8.67 24.39 -14.48
N TRP C 174 -9.53 24.01 -15.45
CA TRP C 174 -9.23 22.93 -16.37
C TRP C 174 -9.31 23.39 -17.83
N THR C 175 -10.24 24.32 -18.13
CA THR C 175 -10.45 24.78 -19.50
C THR C 175 -9.71 26.09 -19.74
N GLN C 176 -9.32 26.78 -18.65
CA GLN C 176 -8.62 28.06 -18.73
C GLN C 176 -9.55 29.12 -19.35
N ARG C 177 -10.79 29.19 -18.84
CA ARG C 177 -11.77 30.14 -19.31
C ARG C 177 -12.93 30.20 -18.31
N GLU C 178 -13.31 31.42 -17.93
CA GLU C 178 -14.35 31.65 -16.93
C GLU C 178 -15.67 31.05 -17.41
N THR C 179 -16.22 30.13 -16.60
CA THR C 179 -17.40 29.36 -16.98
C THR C 179 -18.68 30.10 -16.61
N GLU C 180 -18.55 31.18 -15.82
CA GLU C 180 -19.70 31.98 -15.42
C GLU C 180 -19.21 33.35 -14.95
N LYS C 181 -19.26 34.33 -15.87
CA LYS C 181 -18.76 35.68 -15.60
C LYS C 181 -19.83 36.53 -14.94
N GLU C 182 -21.10 36.31 -15.32
CA GLU C 182 -22.21 37.10 -14.83
C GLU C 182 -22.51 36.76 -13.36
N ILE C 183 -22.19 35.52 -12.96
CA ILE C 183 -22.42 35.07 -11.60
C ILE C 183 -21.23 35.49 -10.73
N LYS C 184 -21.39 36.62 -10.04
CA LYS C 184 -20.32 37.23 -9.27
C LYS C 184 -20.28 36.62 -7.87
N PRO C 185 -19.10 36.18 -7.37
CA PRO C 185 -18.98 35.72 -5.99
C PRO C 185 -18.75 36.86 -5.00
N GLY C 186 -19.32 36.72 -3.80
CA GLY C 186 -19.01 37.58 -2.68
C GLY C 186 -18.19 36.80 -1.65
N LEU C 187 -18.74 36.66 -0.43
CA LEU C 187 -18.20 35.74 0.55
C LEU C 187 -18.34 34.32 0.01
N GLN C 188 -17.35 33.47 0.33
CA GLN C 188 -17.33 32.09 -0.10
C GLN C 188 -16.95 31.20 1.09
N PHE C 189 -17.31 29.92 1.00
CA PHE C 189 -17.01 28.95 2.03
C PHE C 189 -16.47 27.68 1.37
N ASN C 190 -15.83 26.82 2.17
CA ASN C 190 -15.52 25.47 1.73
C ASN C 190 -16.63 24.55 2.22
N PHE C 191 -17.63 24.32 1.34
CA PHE C 191 -18.70 23.37 1.61
C PHE C 191 -18.54 22.15 0.69
N ARG C 192 -17.34 21.96 0.13
CA ARG C 192 -17.08 20.82 -0.74
C ARG C 192 -17.21 19.54 0.08
N LEU C 193 -17.92 18.56 -0.48
CA LEU C 193 -18.16 17.28 0.18
C LEU C 193 -17.04 16.31 -0.16
N SER C 194 -16.60 15.54 0.84
CA SER C 194 -15.64 14.46 0.65
C SER C 194 -16.24 13.40 -0.26
N PRO C 195 -15.59 13.04 -1.39
CA PRO C 195 -16.04 11.92 -2.24
C PRO C 195 -16.38 10.64 -1.48
N LEU C 196 -15.60 10.32 -0.44
CA LEU C 196 -15.79 9.11 0.34
C LEU C 196 -17.16 9.15 1.02
N VAL C 197 -17.52 10.32 1.55
CA VAL C 197 -18.80 10.51 2.23
C VAL C 197 -19.93 10.40 1.22
N GLY C 198 -19.76 11.06 0.07
CA GLY C 198 -20.75 11.05 -1.00
C GLY C 198 -20.99 9.65 -1.55
N ALA C 199 -19.91 8.86 -1.63
CA ALA C 199 -19.98 7.49 -2.13
C ALA C 199 -20.80 6.62 -1.19
N CYS C 200 -20.61 6.82 0.13
CA CYS C 200 -21.35 6.07 1.13
C CYS C 200 -22.84 6.39 1.04
N ILE C 201 -23.17 7.66 0.80
CA ILE C 201 -24.55 8.10 0.70
C ILE C 201 -25.15 7.59 -0.61
N LYS C 202 -24.36 7.58 -1.68
CA LYS C 202 -24.82 7.07 -2.97
C LYS C 202 -25.20 5.59 -2.84
N MET C 203 -24.36 4.83 -2.13
CA MET C 203 -24.59 3.40 -1.93
C MET C 203 -25.86 3.20 -1.10
N ALA C 204 -26.03 4.02 -0.06
CA ALA C 204 -27.20 3.95 0.81
C ALA C 204 -28.48 4.14 0.00
N LEU C 205 -28.45 5.07 -0.97
CA LEU C 205 -29.60 5.35 -1.81
C LEU C 205 -29.91 4.14 -2.70
N ILE C 206 -28.87 3.61 -3.37
CA ILE C 206 -29.03 2.53 -4.33
C ILE C 206 -29.59 1.29 -3.63
N LYS C 207 -29.14 1.02 -2.40
CA LYS C 207 -29.50 -0.19 -1.68
C LYS C 207 -30.90 -0.06 -1.06
N MET C 208 -31.44 1.16 -0.99
CA MET C 208 -32.75 1.39 -0.39
C MET C 208 -33.73 1.87 -1.46
N GLY C 209 -33.82 1.12 -2.57
CA GLY C 209 -34.84 1.35 -3.58
C GLY C 209 -34.43 2.43 -4.58
N LEU C 210 -34.35 3.69 -4.11
CA LEU C 210 -34.07 4.83 -4.96
C LEU C 210 -32.71 4.66 -5.64
N GLU D 12 -23.66 -9.86 10.15
CA GLU D 12 -22.41 -9.18 9.68
C GLU D 12 -21.32 -10.23 9.43
N GLN D 13 -21.65 -11.27 8.66
CA GLN D 13 -20.71 -12.35 8.37
C GLN D 13 -19.63 -11.87 7.41
N LEU D 14 -20.06 -11.21 6.32
CA LEU D 14 -19.15 -10.71 5.31
C LEU D 14 -18.18 -9.69 5.92
N PHE D 15 -18.69 -8.89 6.87
CA PHE D 15 -17.87 -7.89 7.54
C PHE D 15 -16.85 -8.58 8.45
N GLN D 16 -17.31 -9.55 9.25
CA GLN D 16 -16.47 -10.22 10.23
C GLN D 16 -15.31 -10.95 9.53
N VAL D 17 -15.61 -11.64 8.43
CA VAL D 17 -14.60 -12.34 7.64
C VAL D 17 -13.63 -11.31 7.05
N SER D 18 -14.18 -10.24 6.47
CA SER D 18 -13.39 -9.19 5.84
C SER D 18 -12.46 -8.53 6.86
N PHE D 19 -12.95 -8.33 8.09
CA PHE D 19 -12.19 -7.64 9.12
C PHE D 19 -10.97 -8.45 9.53
N VAL D 20 -11.18 -9.76 9.75
CA VAL D 20 -10.10 -10.65 10.18
C VAL D 20 -9.03 -10.72 9.10
N LEU D 21 -9.46 -10.94 7.85
CA LEU D 21 -8.54 -10.98 6.73
C LEU D 21 -7.76 -9.67 6.67
N ALA D 22 -8.48 -8.54 6.79
CA ALA D 22 -7.86 -7.22 6.78
C ALA D 22 -6.88 -7.10 7.94
N ARG D 23 -7.27 -7.59 9.12
CA ARG D 23 -6.43 -7.50 10.30
C ARG D 23 -5.11 -8.23 10.06
N VAL D 24 -5.20 -9.48 9.59
CA VAL D 24 -4.04 -10.34 9.46
C VAL D 24 -3.15 -9.84 8.32
N LEU D 25 -3.76 -9.39 7.22
CA LEU D 25 -3.02 -8.83 6.09
C LEU D 25 -2.26 -7.59 6.55
N THR D 26 -2.88 -6.78 7.41
CA THR D 26 -2.27 -5.55 7.89
C THR D 26 -1.05 -5.87 8.75
N SER D 27 -1.12 -6.96 9.52
CA SER D 27 0.01 -7.40 10.33
C SER D 27 1.15 -7.88 9.44
N GLY D 28 0.80 -8.45 8.28
CA GLY D 28 1.78 -8.92 7.31
C GLY D 28 2.21 -10.36 7.56
N ILE D 29 1.67 -10.98 8.62
CA ILE D 29 2.07 -12.32 9.04
C ILE D 29 1.10 -13.33 8.42
N ILE D 30 1.37 -13.71 7.17
CA ILE D 30 0.46 -14.58 6.43
C ILE D 30 1.15 -15.89 6.08
N MET D 31 2.36 -16.12 6.60
CA MET D 31 3.09 -17.36 6.37
C MET D 31 2.93 -18.28 7.57
N SER D 32 2.69 -19.56 7.31
CA SER D 32 2.52 -20.57 8.35
C SER D 32 3.82 -20.77 9.13
N ILE D 33 4.95 -20.55 8.47
CA ILE D 33 6.26 -20.89 9.02
C ILE D 33 6.95 -19.66 9.60
N GLU D 34 6.32 -18.49 9.48
CA GLU D 34 6.88 -17.25 10.02
C GLU D 34 6.91 -17.31 11.54
N LYS D 35 7.93 -16.66 12.13
CA LYS D 35 7.93 -16.37 13.55
C LYS D 35 6.88 -15.28 13.78
N ASN D 36 6.15 -15.39 14.91
CA ASN D 36 5.13 -14.44 15.30
C ASN D 36 3.78 -14.77 14.66
N GLU D 37 3.65 -15.98 14.08
CA GLU D 37 2.38 -16.45 13.58
C GLU D 37 1.61 -17.08 14.74
N ASN D 38 0.50 -16.45 15.15
CA ASN D 38 -0.21 -16.82 16.36
C ASN D 38 -1.60 -17.39 16.06
N GLU D 39 -2.07 -17.28 14.82
CA GLU D 39 -3.44 -17.62 14.48
C GLU D 39 -3.67 -19.13 14.62
N LEU D 40 -2.69 -19.93 14.18
CA LEU D 40 -2.85 -21.38 14.18
C LEU D 40 -2.82 -21.92 15.61
N LYS D 41 -1.98 -21.33 16.47
CA LYS D 41 -1.92 -21.73 17.87
C LYS D 41 -3.24 -21.40 18.56
N GLY D 42 -3.76 -20.19 18.32
CA GLY D 42 -5.02 -19.76 18.88
C GLY D 42 -6.17 -20.70 18.51
N LEU D 43 -6.22 -21.08 17.23
CA LEU D 43 -7.20 -22.03 16.74
C LEU D 43 -7.10 -23.35 17.52
N GLU D 44 -5.87 -23.86 17.64
CA GLU D 44 -5.62 -25.13 18.32
C GLU D 44 -6.00 -25.05 19.78
N ASN D 45 -5.63 -23.94 20.44
CA ASN D 45 -5.86 -23.77 21.87
C ASN D 45 -7.35 -23.79 22.18
N ILE D 46 -8.17 -23.17 21.31
CA ILE D 46 -9.61 -23.14 21.49
C ILE D 46 -10.17 -24.56 21.39
N LEU D 47 -9.71 -25.32 20.39
CA LEU D 47 -10.24 -26.64 20.13
C LEU D 47 -9.78 -27.64 21.19
N LYS D 48 -8.62 -27.37 21.81
CA LYS D 48 -8.11 -28.19 22.90
C LYS D 48 -8.92 -27.95 24.17
N LYS D 49 -9.37 -26.70 24.38
CA LYS D 49 -10.21 -26.35 25.52
C LYS D 49 -11.62 -26.93 25.35
N THR D 50 -12.17 -26.82 24.13
CA THR D 50 -13.54 -27.23 23.86
C THR D 50 -13.64 -28.74 24.02
N SER D 51 -12.78 -29.47 23.28
CA SER D 51 -12.51 -30.87 23.58
C SER D 51 -11.71 -30.92 24.88
N SER D 52 -11.43 -32.14 25.36
CA SER D 52 -10.56 -32.30 26.51
C SER D 52 -9.30 -33.05 26.08
N LYS D 53 -8.66 -32.55 25.03
CA LYS D 53 -7.55 -33.23 24.38
C LYS D 53 -6.28 -32.40 24.56
N GLN D 54 -5.17 -33.11 24.80
CA GLN D 54 -3.89 -32.49 25.11
C GLN D 54 -3.23 -31.94 23.85
N TYR D 55 -3.43 -32.63 22.72
CA TYR D 55 -2.66 -32.36 21.52
C TYR D 55 -3.59 -32.04 20.34
N ALA D 56 -3.17 -31.06 19.53
CA ALA D 56 -3.86 -30.70 18.30
C ALA D 56 -2.87 -30.57 17.17
N VAL D 57 -3.28 -30.98 15.97
CA VAL D 57 -2.49 -30.79 14.76
C VAL D 57 -3.41 -30.24 13.67
N THR D 58 -2.98 -29.15 13.03
CA THR D 58 -3.78 -28.47 12.01
C THR D 58 -3.29 -28.90 10.63
N PHE D 59 -4.24 -29.12 9.71
CA PHE D 59 -3.94 -29.53 8.35
C PHE D 59 -4.73 -28.65 7.37
N ASN D 60 -4.24 -28.57 6.13
CA ASN D 60 -4.90 -27.83 5.07
C ASN D 60 -5.79 -28.76 4.25
N SER D 61 -6.06 -29.96 4.79
CA SER D 61 -6.89 -30.95 4.12
C SER D 61 -7.32 -32.02 5.13
N ILE D 62 -8.52 -32.57 4.92
CA ILE D 62 -9.00 -33.69 5.72
C ILE D 62 -8.08 -34.89 5.50
N SER D 63 -7.52 -35.00 4.29
CA SER D 63 -6.58 -36.05 3.95
C SER D 63 -5.42 -36.08 4.94
N GLY D 64 -4.93 -34.89 5.32
CA GLY D 64 -3.81 -34.77 6.25
C GLY D 64 -4.15 -35.33 7.62
N ALA D 65 -5.34 -35.01 8.11
CA ALA D 65 -5.80 -35.46 9.42
C ALA D 65 -5.98 -36.97 9.44
N VAL D 66 -6.46 -37.54 8.33
CA VAL D 66 -6.72 -38.96 8.21
C VAL D 66 -5.38 -39.73 8.23
N ILE D 67 -4.40 -39.24 7.46
CA ILE D 67 -3.11 -39.91 7.37
C ILE D 67 -2.40 -39.82 8.72
N GLY D 68 -2.49 -38.66 9.38
CA GLY D 68 -1.88 -38.45 10.68
C GLY D 68 -2.40 -39.45 11.71
N SER D 69 -3.72 -39.67 11.72
CA SER D 69 -4.35 -40.58 12.65
C SER D 69 -3.91 -42.02 12.40
N LEU D 70 -3.75 -42.38 11.11
CA LEU D 70 -3.40 -43.73 10.71
C LEU D 70 -1.93 -44.01 11.02
N TRP D 71 -1.04 -43.17 10.49
CA TRP D 71 0.39 -43.33 10.67
C TRP D 71 0.77 -43.15 12.13
N GLY D 72 0.03 -42.29 12.85
CA GLY D 72 0.27 -42.05 14.26
C GLY D 72 0.01 -43.28 15.13
N GLN D 73 -0.80 -44.22 14.62
CA GLN D 73 -1.08 -45.48 15.31
C GLN D 73 -0.41 -46.64 14.57
N ASP D 74 0.63 -46.35 13.79
CA ASP D 74 1.39 -47.34 13.04
C ASP D 74 0.49 -48.13 12.08
N ILE D 75 -0.60 -47.51 11.60
CA ILE D 75 -1.42 -48.11 10.56
C ILE D 75 -0.89 -47.59 9.22
N VAL D 76 0.07 -48.32 8.65
CA VAL D 76 0.81 -47.88 7.48
C VAL D 76 0.61 -48.90 6.36
N TYR D 77 1.37 -48.76 5.27
CA TYR D 77 1.26 -49.66 4.12
C TYR D 77 1.34 -51.10 4.61
N GLY D 78 0.36 -51.92 4.19
CA GLY D 78 0.36 -53.34 4.50
C GLY D 78 -0.49 -53.68 5.73
N GLU D 79 -0.73 -52.68 6.59
CA GLU D 79 -1.51 -52.87 7.80
C GLU D 79 -3.00 -52.81 7.47
N ALA D 80 -3.83 -53.07 8.47
CA ALA D 80 -5.27 -53.01 8.33
C ALA D 80 -5.90 -52.29 9.51
N THR D 81 -7.17 -51.89 9.35
CA THR D 81 -7.95 -51.27 10.39
C THR D 81 -9.44 -51.44 10.03
N ASN D 82 -10.32 -50.81 10.81
CA ASN D 82 -11.76 -50.96 10.61
C ASN D 82 -12.27 -49.79 9.78
N GLN D 83 -12.70 -50.10 8.54
CA GLN D 83 -13.13 -49.09 7.58
C GLN D 83 -14.65 -49.13 7.39
N GLN D 84 -15.39 -49.54 8.43
CA GLN D 84 -16.81 -49.80 8.31
C GLN D 84 -17.60 -48.48 8.31
N SER D 85 -16.99 -47.39 8.79
CA SER D 85 -17.66 -46.12 8.92
C SER D 85 -17.13 -45.09 7.92
N LEU D 86 -16.27 -45.52 6.98
CA LEU D 86 -15.68 -44.61 6.02
C LEU D 86 -16.69 -44.33 4.90
N ASP D 87 -16.67 -43.09 4.40
CA ASP D 87 -17.37 -42.75 3.17
C ASP D 87 -16.47 -43.16 2.00
N GLU D 88 -16.99 -42.98 0.77
CA GLU D 88 -16.29 -43.42 -0.43
C GLU D 88 -14.91 -42.77 -0.52
N GLN D 89 -14.83 -41.48 -0.19
CA GLN D 89 -13.61 -40.71 -0.33
C GLN D 89 -12.51 -41.31 0.55
N GLN D 90 -12.83 -41.56 1.83
CA GLN D 90 -11.83 -42.02 2.78
C GLN D 90 -11.46 -43.48 2.51
N GLU D 91 -12.43 -44.29 2.07
CA GLU D 91 -12.14 -45.64 1.60
C GLU D 91 -11.05 -45.58 0.54
N LYS D 92 -11.19 -44.63 -0.40
CA LYS D 92 -10.24 -44.48 -1.50
C LYS D 92 -8.87 -44.09 -0.97
N LEU D 93 -8.83 -43.20 0.04
CA LEU D 93 -7.58 -42.74 0.62
C LEU D 93 -6.87 -43.91 1.31
N PHE D 94 -7.62 -44.66 2.12
CA PHE D 94 -7.08 -45.80 2.85
C PHE D 94 -6.43 -46.77 1.85
N LYS D 95 -7.12 -47.01 0.73
CA LYS D 95 -6.64 -47.92 -0.30
C LYS D 95 -5.38 -47.37 -0.95
N TRP D 96 -5.32 -46.04 -1.12
CA TRP D 96 -4.14 -45.39 -1.69
C TRP D 96 -2.94 -45.53 -0.76
N LEU D 97 -3.20 -45.53 0.56
CA LEU D 97 -2.15 -45.63 1.56
C LEU D 97 -1.69 -47.08 1.71
N GLY D 98 -2.46 -48.04 1.16
CA GLY D 98 -2.11 -49.45 1.21
C GLY D 98 -2.60 -50.11 2.49
N ILE D 99 -3.76 -49.66 2.98
CA ILE D 99 -4.30 -50.09 4.26
C ILE D 99 -5.58 -50.90 4.01
N GLY D 100 -5.60 -52.13 4.55
CA GLY D 100 -6.70 -53.06 4.35
C GLY D 100 -7.79 -52.90 5.41
N HIS D 101 -8.75 -53.83 5.41
CA HIS D 101 -9.91 -53.77 6.29
C HIS D 101 -9.96 -55.00 7.20
N SER D 102 -10.40 -54.78 8.44
CA SER D 102 -10.72 -55.85 9.36
C SER D 102 -11.70 -55.34 10.41
N SER D 103 -12.80 -56.08 10.62
CA SER D 103 -13.83 -55.70 11.58
C SER D 103 -13.47 -56.19 12.98
N LEU D 104 -12.40 -57.00 13.07
CA LEU D 104 -11.87 -57.45 14.36
C LEU D 104 -11.18 -56.29 15.07
N LEU D 105 -10.71 -55.29 14.31
CA LEU D 105 -9.97 -54.17 14.86
C LEU D 105 -10.92 -53.01 15.14
N PRO D 106 -10.54 -52.06 16.03
CA PRO D 106 -11.33 -50.84 16.23
C PRO D 106 -11.17 -49.86 15.07
N GLU D 107 -12.03 -48.84 15.06
CA GLU D 107 -11.94 -47.78 14.06
C GLU D 107 -10.75 -46.89 14.39
N PRO D 108 -10.03 -46.35 13.38
CA PRO D 108 -8.84 -45.54 13.62
C PRO D 108 -9.09 -44.14 14.18
N TYR D 109 -10.31 -43.62 13.96
CA TYR D 109 -10.66 -42.29 14.43
C TYR D 109 -12.19 -42.12 14.41
N THR D 110 -12.65 -41.02 15.02
CA THR D 110 -14.03 -40.56 14.86
C THR D 110 -14.02 -39.22 14.15
N LEU D 111 -14.82 -39.10 13.08
CA LEU D 111 -14.82 -37.95 12.20
C LEU D 111 -16.09 -37.14 12.40
N HIS D 112 -15.93 -35.82 12.60
CA HIS D 112 -17.05 -34.88 12.65
C HIS D 112 -16.85 -33.79 11.61
N ALA D 113 -17.81 -33.67 10.69
CA ALA D 113 -17.84 -32.57 9.73
C ALA D 113 -18.51 -31.37 10.37
N ILE D 114 -17.76 -30.28 10.53
CA ILE D 114 -18.25 -29.06 11.15
C ILE D 114 -18.70 -28.09 10.06
N ASN D 115 -19.91 -27.55 10.22
CA ASN D 115 -20.48 -26.56 9.32
C ASN D 115 -21.10 -25.46 10.17
N TRP D 116 -21.72 -24.47 9.51
CA TRP D 116 -22.32 -23.35 10.20
C TRP D 116 -23.56 -23.79 10.99
N GLY D 117 -24.18 -24.89 10.55
CA GLY D 117 -25.35 -25.44 11.22
C GLY D 117 -25.04 -25.94 12.63
N ASN D 118 -23.84 -26.53 12.83
CA ASN D 118 -23.55 -27.27 14.05
C ASN D 118 -22.28 -26.77 14.74
N ILE D 119 -21.76 -25.61 14.33
CA ILE D 119 -20.49 -25.11 14.85
C ILE D 119 -20.66 -24.70 16.33
N SER D 120 -21.85 -24.19 16.68
CA SER D 120 -22.10 -23.68 18.02
C SER D 120 -22.09 -24.82 19.05
N ASN D 121 -22.40 -26.04 18.60
CA ASN D 121 -22.53 -27.18 19.49
C ASN D 121 -21.28 -28.06 19.40
N LEU D 122 -20.10 -27.43 19.36
CA LEU D 122 -18.86 -28.14 19.12
C LEU D 122 -18.42 -28.84 20.41
N GLN D 123 -18.84 -28.32 21.57
CA GLN D 123 -18.43 -28.86 22.86
C GLN D 123 -19.06 -30.23 23.07
N LYS D 124 -20.34 -30.38 22.71
CA LYS D 124 -21.03 -31.65 22.83
C LYS D 124 -20.45 -32.65 21.83
N ILE D 125 -20.10 -32.17 20.63
CA ILE D 125 -19.59 -33.01 19.55
C ILE D 125 -18.22 -33.56 19.93
N THR D 126 -17.37 -32.72 20.53
CA THR D 126 -15.98 -33.07 20.77
C THR D 126 -15.79 -33.76 22.12
N HIS D 127 -16.88 -33.96 22.87
CA HIS D 127 -16.83 -34.72 24.11
C HIS D 127 -17.34 -36.13 23.85
N GLU D 128 -16.40 -37.04 23.56
CA GLU D 128 -16.68 -38.44 23.26
C GLU D 128 -15.72 -39.30 24.07
N GLU D 129 -15.68 -40.60 23.75
CA GLU D 129 -14.65 -41.50 24.26
C GLU D 129 -13.73 -41.91 23.11
N ALA D 130 -13.45 -40.96 22.20
CA ALA D 130 -12.74 -41.25 20.96
C ALA D 130 -11.23 -41.14 21.19
N HIS D 131 -10.49 -42.08 20.60
CA HIS D 131 -9.04 -42.11 20.70
C HIS D 131 -8.46 -40.95 19.88
N VAL D 132 -9.01 -40.76 18.67
CA VAL D 132 -8.62 -39.66 17.80
C VAL D 132 -9.89 -38.99 17.29
N THR D 133 -10.00 -37.67 17.51
CA THR D 133 -11.10 -36.87 17.00
C THR D 133 -10.60 -36.03 15.82
N LEU D 134 -11.20 -36.26 14.64
CA LEU D 134 -10.93 -35.45 13.46
C LEU D 134 -12.09 -34.48 13.26
N LEU D 135 -11.76 -33.17 13.25
CA LEU D 135 -12.73 -32.13 12.94
C LEU D 135 -12.45 -31.60 11.54
N ASP D 136 -13.41 -31.79 10.63
CA ASP D 136 -13.32 -31.26 9.27
C ASP D 136 -14.08 -29.94 9.20
N PHE D 137 -13.35 -28.86 8.87
CA PHE D 137 -13.91 -27.52 8.85
C PHE D 137 -14.08 -27.02 7.41
N THR D 138 -13.94 -27.92 6.43
CA THR D 138 -13.92 -27.53 5.03
C THR D 138 -15.21 -26.81 4.65
N LYS D 139 -16.34 -27.22 5.23
CA LYS D 139 -17.65 -26.73 4.83
C LYS D 139 -17.97 -25.38 5.45
N LEU D 140 -17.05 -24.82 6.25
CA LEU D 140 -17.21 -23.46 6.75
C LEU D 140 -16.98 -22.46 5.61
N GLY D 141 -16.25 -22.88 4.57
CA GLY D 141 -16.15 -22.12 3.34
C GLY D 141 -14.97 -21.15 3.34
N PHE D 142 -13.94 -21.44 4.14
CA PHE D 142 -12.73 -20.63 4.18
C PHE D 142 -11.60 -21.35 3.45
N GLY D 143 -11.88 -22.57 2.97
CA GLY D 143 -10.87 -23.42 2.36
C GLY D 143 -10.79 -24.76 3.07
N PRO D 144 -10.17 -25.80 2.45
CA PRO D 144 -10.02 -27.09 3.10
C PRO D 144 -9.19 -26.96 4.38
N CYS D 145 -9.69 -27.56 5.47
CA CYS D 145 -9.07 -27.47 6.77
C CYS D 145 -9.58 -28.58 7.69
N ALA D 146 -8.67 -29.22 8.40
CA ALA D 146 -9.01 -30.24 9.38
C ALA D 146 -8.06 -30.17 10.57
N VAL D 147 -8.57 -30.58 11.74
CA VAL D 147 -7.78 -30.59 12.97
C VAL D 147 -7.88 -31.97 13.60
N LEU D 148 -6.72 -32.53 13.95
CA LEU D 148 -6.64 -33.79 14.69
C LEU D 148 -6.49 -33.46 16.18
N LEU D 149 -7.33 -34.11 17.01
CA LEU D 149 -7.28 -33.95 18.45
C LEU D 149 -7.09 -35.33 19.08
N THR D 150 -6.14 -35.42 20.02
CA THR D 150 -5.82 -36.68 20.67
C THR D 150 -5.11 -36.43 22.00
N ASN D 151 -5.12 -37.45 22.87
CA ASN D 151 -4.31 -37.47 24.08
C ASN D 151 -3.04 -38.29 23.85
N ASN D 152 -2.99 -39.05 22.75
CA ASN D 152 -1.85 -39.88 22.41
C ASN D 152 -0.75 -39.01 21.81
N GLU D 153 0.34 -38.83 22.58
CA GLU D 153 1.44 -37.97 22.18
C GLU D 153 2.11 -38.49 20.91
N THR D 154 2.17 -39.82 20.76
CA THR D 154 2.82 -40.43 19.60
C THR D 154 2.07 -40.05 18.34
N ILE D 155 0.73 -40.04 18.40
CA ILE D 155 -0.09 -39.64 17.28
C ILE D 155 0.20 -38.18 16.93
N TYR D 156 0.30 -37.33 17.96
CA TYR D 156 0.61 -35.92 17.80
C TYR D 156 1.94 -35.76 17.06
N LYS D 157 3.00 -36.37 17.61
CA LYS D 157 4.36 -36.18 17.13
C LYS D 157 4.48 -36.68 15.68
N LYS D 158 3.85 -37.82 15.38
CA LYS D 158 3.94 -38.40 14.05
C LYS D 158 3.09 -37.61 13.05
N SER D 159 2.03 -36.96 13.54
CA SER D 159 1.16 -36.15 12.70
C SER D 159 1.86 -34.85 12.29
N GLU D 160 2.69 -34.30 13.18
CA GLU D 160 3.45 -33.10 12.91
C GLU D 160 4.64 -33.42 12.01
N ARG D 161 5.29 -34.57 12.27
CA ARG D 161 6.50 -34.96 11.55
C ARG D 161 6.18 -35.19 10.07
N LEU D 162 4.97 -35.70 9.83
CA LEU D 162 4.44 -35.97 8.50
C LEU D 162 4.37 -34.69 7.66
N LYS D 163 4.23 -33.54 8.31
CA LYS D 163 4.16 -32.25 7.61
C LYS D 163 5.56 -31.73 7.34
N ILE D 164 5.82 -31.37 6.07
CA ILE D 164 7.04 -30.64 5.71
C ILE D 164 6.97 -29.28 6.39
N PHE D 165 8.07 -28.90 7.07
CA PHE D 165 8.11 -27.69 7.88
C PHE D 165 7.00 -27.75 8.93
N GLY D 166 6.88 -28.91 9.59
CA GLY D 166 6.01 -29.06 10.74
C GLY D 166 6.69 -28.54 12.00
N ALA D 167 6.06 -28.79 13.17
CA ALA D 167 6.54 -28.28 14.45
C ALA D 167 8.01 -28.64 14.67
N PHE D 168 8.40 -29.87 14.29
CA PHE D 168 9.74 -30.38 14.52
C PHE D 168 10.78 -29.58 13.73
N ASP D 169 10.43 -29.21 12.49
CA ASP D 169 11.35 -28.51 11.60
C ASP D 169 11.55 -27.06 12.05
N LEU D 170 10.49 -26.45 12.61
CA LEU D 170 10.51 -25.04 12.96
C LEU D 170 11.38 -24.81 14.20
N ARG D 171 10.99 -25.42 15.32
CA ARG D 171 11.77 -25.35 16.55
C ARG D 171 12.97 -26.29 16.43
N THR D 172 13.99 -25.83 15.68
CA THR D 172 15.13 -26.65 15.31
C THR D 172 14.66 -27.87 14.52
N LYS D 181 16.63 -37.45 14.93
CA LYS D 181 16.90 -38.87 15.23
C LYS D 181 16.10 -39.33 16.45
N GLU D 182 14.79 -39.13 16.38
CA GLU D 182 13.87 -39.55 17.44
C GLU D 182 12.66 -40.21 16.78
N ILE D 183 11.66 -39.39 16.43
CA ILE D 183 10.56 -39.83 15.57
C ILE D 183 10.97 -39.60 14.13
N LYS D 184 11.12 -40.70 13.37
CA LYS D 184 11.71 -40.66 12.05
C LYS D 184 10.63 -40.27 11.04
N PRO D 185 10.88 -39.29 10.14
CA PRO D 185 9.96 -38.99 9.05
C PRO D 185 10.12 -39.97 7.89
N GLY D 186 8.99 -40.39 7.32
CA GLY D 186 8.98 -41.12 6.05
C GLY D 186 8.55 -40.19 4.92
N LEU D 187 7.52 -40.62 4.18
CA LEU D 187 6.85 -39.76 3.22
C LEU D 187 6.26 -38.56 3.96
N GLN D 188 6.36 -37.37 3.36
CA GLN D 188 5.85 -36.15 3.96
C GLN D 188 5.01 -35.40 2.92
N PHE D 189 4.15 -34.50 3.43
CA PHE D 189 3.26 -33.70 2.61
C PHE D 189 3.29 -32.26 3.12
N ASN D 190 2.90 -31.31 2.25
CA ASN D 190 2.62 -29.96 2.70
C ASN D 190 1.13 -29.86 3.05
N PHE D 191 0.82 -30.16 4.32
CA PHE D 191 -0.52 -29.98 4.85
C PHE D 191 -0.55 -28.74 5.75
N ARG D 192 0.44 -27.87 5.62
CA ARG D 192 0.47 -26.62 6.37
C ARG D 192 -0.74 -25.77 5.98
N LEU D 193 -1.43 -25.23 7.00
CA LEU D 193 -2.62 -24.41 6.79
C LEU D 193 -2.20 -22.95 6.65
N SER D 194 -2.87 -22.25 5.72
CA SER D 194 -2.72 -20.81 5.57
C SER D 194 -3.20 -20.10 6.84
N PRO D 195 -2.36 -19.27 7.49
CA PRO D 195 -2.80 -18.45 8.63
C PRO D 195 -4.10 -17.68 8.42
N LEU D 196 -4.27 -17.09 7.24
CA LEU D 196 -5.46 -16.32 6.91
C LEU D 196 -6.69 -17.21 7.05
N VAL D 197 -6.59 -18.46 6.58
CA VAL D 197 -7.67 -19.42 6.66
C VAL D 197 -7.91 -19.79 8.12
N GLY D 198 -6.81 -20.05 8.84
CA GLY D 198 -6.87 -20.40 10.26
C GLY D 198 -7.51 -19.29 11.09
N ALA D 199 -7.22 -18.03 10.74
CA ALA D 199 -7.71 -16.88 11.47
C ALA D 199 -9.22 -16.74 11.32
N CYS D 200 -9.74 -17.07 10.13
CA CYS D 200 -11.17 -17.02 9.86
C CYS D 200 -11.91 -18.07 10.69
N ILE D 201 -11.34 -19.29 10.77
CA ILE D 201 -11.96 -20.38 11.52
C ILE D 201 -11.92 -20.04 13.01
N LYS D 202 -10.79 -19.47 13.47
CA LYS D 202 -10.64 -19.07 14.86
C LYS D 202 -11.72 -18.06 15.23
N MET D 203 -11.95 -17.08 14.33
CA MET D 203 -12.94 -16.04 14.54
C MET D 203 -14.34 -16.64 14.60
N ALA D 204 -14.62 -17.59 13.70
CA ALA D 204 -15.91 -18.26 13.65
C ALA D 204 -16.19 -18.95 14.98
N LEU D 205 -15.17 -19.62 15.55
CA LEU D 205 -15.31 -20.35 16.79
C LEU D 205 -15.61 -19.39 17.93
N ILE D 206 -14.88 -18.26 17.97
CA ILE D 206 -15.07 -17.25 19.01
C ILE D 206 -16.47 -16.66 18.87
N LYS D 207 -16.83 -16.26 17.63
CA LYS D 207 -18.09 -15.60 17.36
C LYS D 207 -19.27 -16.49 17.73
N MET D 208 -19.10 -17.82 17.58
CA MET D 208 -20.18 -18.77 17.81
C MET D 208 -20.07 -19.40 19.20
N GLY D 209 -19.49 -18.66 20.16
CA GLY D 209 -19.59 -18.99 21.57
C GLY D 209 -18.84 -20.27 21.93
N LEU D 210 -17.52 -20.27 21.72
CA LEU D 210 -16.66 -21.36 22.15
C LEU D 210 -15.43 -20.77 22.85
N ASN D 211 -15.61 -19.61 23.49
CA ASN D 211 -14.54 -18.92 24.22
C ASN D 211 -13.38 -18.61 23.26
#